data_2YRH
#
_entry.id   2YRH
#
loop_
_entity.id
_entity.type
_entity.pdbx_description
1 polymer 'Zinc finger protein 473'
2 non-polymer 'ZINC ION'
#
_entity_poly.entity_id   1
_entity_poly.type   'polypeptide(L)'
_entity_poly.pdbx_seq_one_letter_code
;GSSGSSGKKPLVCNECGKTFRQSSCLSKHQRIHSGEKPSGPSSG
;
_entity_poly.pdbx_strand_id   A
#
loop_
_chem_comp.id
_chem_comp.type
_chem_comp.name
_chem_comp.formula
ZN non-polymer 'ZINC ION' 'Zn 2'
#
# COMPACT_ATOMS: atom_id res chain seq x y z
N GLY A 1 -25.90 -14.29 -16.76
CA GLY A 1 -24.61 -14.01 -17.35
C GLY A 1 -23.58 -13.59 -16.32
N SER A 2 -23.25 -14.50 -15.40
CA SER A 2 -22.29 -14.22 -14.35
C SER A 2 -20.93 -13.86 -14.95
N SER A 3 -20.48 -12.64 -14.68
CA SER A 3 -19.19 -12.17 -15.19
C SER A 3 -18.06 -13.09 -14.75
N GLY A 4 -18.06 -13.44 -13.47
CA GLY A 4 -17.03 -14.31 -12.94
C GLY A 4 -16.77 -14.10 -11.46
N SER A 5 -16.62 -12.84 -11.06
CA SER A 5 -16.38 -12.50 -9.68
C SER A 5 -15.18 -13.28 -9.13
N SER A 6 -14.13 -13.38 -9.94
CA SER A 6 -12.93 -14.10 -9.54
C SER A 6 -12.12 -13.30 -8.52
N GLY A 7 -11.72 -12.09 -8.91
CA GLY A 7 -10.95 -11.24 -8.03
C GLY A 7 -10.84 -9.82 -8.53
N LYS A 8 -9.62 -9.42 -8.89
CA LYS A 8 -9.38 -8.08 -9.40
C LYS A 8 -9.58 -7.03 -8.32
N LYS A 9 -9.08 -7.33 -7.12
CA LYS A 9 -9.20 -6.42 -5.99
C LYS A 9 -8.30 -5.21 -6.17
N PRO A 10 -8.82 -4.02 -5.82
CA PRO A 10 -8.06 -2.77 -5.93
C PRO A 10 -6.94 -2.67 -4.91
N LEU A 11 -6.07 -1.68 -5.10
CA LEU A 11 -4.94 -1.48 -4.19
C LEU A 11 -5.17 -0.27 -3.28
N VAL A 12 -5.54 -0.54 -2.03
CA VAL A 12 -5.80 0.51 -1.06
C VAL A 12 -4.85 0.41 0.13
N CYS A 13 -4.47 1.56 0.68
CA CYS A 13 -3.56 1.60 1.82
C CYS A 13 -4.27 1.14 3.09
N ASN A 14 -3.88 -0.03 3.60
CA ASN A 14 -4.48 -0.57 4.81
C ASN A 14 -4.11 0.27 6.03
N GLU A 15 -3.27 1.28 5.80
CA GLU A 15 -2.86 2.16 6.89
C GLU A 15 -3.81 3.35 7.03
N CYS A 16 -4.20 3.93 5.90
CA CYS A 16 -5.11 5.07 5.89
C CYS A 16 -6.42 4.72 5.19
N GLY A 17 -6.31 3.93 4.12
CA GLY A 17 -7.49 3.54 3.38
C GLY A 17 -7.64 4.30 2.08
N LYS A 18 -6.53 4.50 1.38
CA LYS A 18 -6.54 5.23 0.11
C LYS A 18 -6.32 4.27 -1.07
N THR A 19 -7.30 4.23 -1.96
CA THR A 19 -7.23 3.37 -3.13
C THR A 19 -6.36 3.99 -4.22
N PHE A 20 -5.66 3.14 -4.96
CA PHE A 20 -4.79 3.60 -6.04
C PHE A 20 -5.06 2.83 -7.33
N ARG A 21 -4.52 3.32 -8.43
CA ARG A 21 -4.70 2.68 -9.73
C ARG A 21 -3.52 1.77 -10.05
N GLN A 22 -2.31 2.29 -9.88
CA GLN A 22 -1.10 1.52 -10.16
C GLN A 22 -0.60 0.83 -8.89
N SER A 23 0.29 -0.14 -9.06
CA SER A 23 0.85 -0.88 -7.94
C SER A 23 1.96 -0.08 -7.27
N SER A 24 2.81 0.53 -8.08
CA SER A 24 3.92 1.33 -7.57
C SER A 24 3.42 2.53 -6.79
N CYS A 25 2.26 3.06 -7.21
CA CYS A 25 1.67 4.22 -6.54
C CYS A 25 1.38 3.92 -5.07
N LEU A 26 0.45 3.01 -4.84
CA LEU A 26 0.08 2.63 -3.48
C LEU A 26 1.32 2.36 -2.63
N SER A 27 2.16 1.44 -3.09
CA SER A 27 3.38 1.08 -2.38
C SER A 27 4.21 2.33 -2.07
N LYS A 28 4.59 3.04 -3.12
CA LYS A 28 5.38 4.26 -2.97
C LYS A 28 4.72 5.23 -2.00
N HIS A 29 3.44 4.99 -1.71
CA HIS A 29 2.69 5.84 -0.79
C HIS A 29 2.71 5.27 0.62
N GLN A 30 2.65 3.94 0.71
CA GLN A 30 2.66 3.26 2.00
C GLN A 30 3.90 3.64 2.80
N ARG A 31 5.02 3.79 2.11
CA ARG A 31 6.28 4.13 2.76
C ARG A 31 6.09 5.33 3.69
N ILE A 32 5.04 6.11 3.46
CA ILE A 32 4.76 7.27 4.27
C ILE A 32 4.38 6.87 5.70
N HIS A 33 3.69 5.73 5.82
CA HIS A 33 3.27 5.23 7.12
C HIS A 33 4.34 4.32 7.73
N SER A 34 4.86 3.40 6.91
CA SER A 34 5.87 2.48 7.37
C SER A 34 7.27 2.98 7.03
N GLY A 35 8.09 3.19 8.06
CA GLY A 35 9.43 3.68 7.85
C GLY A 35 10.31 2.67 7.13
N GLU A 36 11.39 2.26 7.78
CA GLU A 36 12.32 1.30 7.20
C GLU A 36 11.63 -0.04 6.96
N LYS A 37 12.33 -0.96 6.29
CA LYS A 37 11.79 -2.27 6.00
C LYS A 37 11.68 -3.10 7.27
N PRO A 38 10.74 -4.06 7.28
CA PRO A 38 10.50 -4.94 8.42
C PRO A 38 11.65 -5.94 8.62
N SER A 39 12.62 -5.56 9.46
CA SER A 39 13.75 -6.43 9.73
C SER A 39 13.35 -7.60 10.62
N GLY A 40 12.75 -7.28 11.77
CA GLY A 40 12.33 -8.31 12.70
C GLY A 40 11.79 -7.75 14.00
N PRO A 41 12.45 -8.08 15.11
CA PRO A 41 12.04 -7.62 16.44
C PRO A 41 12.29 -6.12 16.62
N SER A 42 12.78 -5.47 15.58
CA SER A 42 13.06 -4.05 15.63
C SER A 42 11.78 -3.23 15.51
N SER A 43 11.09 -3.38 14.38
CA SER A 43 9.84 -2.66 14.14
C SER A 43 8.68 -3.32 14.86
N GLY A 44 8.43 -4.59 14.53
CA GLY A 44 7.34 -5.31 15.15
C GLY A 44 7.77 -6.67 15.68
ZN ZN B . -1.72 5.47 3.36
N GLY A 1 -19.66 -21.54 -1.57
CA GLY A 1 -20.87 -20.89 -2.03
C GLY A 1 -20.78 -20.44 -3.47
N SER A 2 -19.66 -19.81 -3.83
CA SER A 2 -19.45 -19.33 -5.19
C SER A 2 -18.64 -20.32 -6.00
N SER A 3 -18.53 -20.07 -7.30
CA SER A 3 -17.78 -20.95 -8.19
C SER A 3 -16.95 -20.13 -9.18
N GLY A 4 -15.63 -20.21 -9.04
CA GLY A 4 -14.74 -19.48 -9.92
C GLY A 4 -14.59 -18.03 -9.52
N SER A 5 -13.38 -17.50 -9.65
CA SER A 5 -13.10 -16.12 -9.29
C SER A 5 -13.66 -15.17 -10.34
N SER A 6 -14.23 -14.07 -9.88
CA SER A 6 -14.81 -13.07 -10.79
C SER A 6 -13.73 -12.16 -11.36
N GLY A 7 -12.97 -11.52 -10.47
CA GLY A 7 -11.92 -10.63 -10.90
C GLY A 7 -10.83 -10.45 -9.86
N LYS A 8 -10.33 -9.23 -9.71
CA LYS A 8 -9.29 -8.93 -8.74
C LYS A 8 -9.73 -7.83 -7.79
N LYS A 9 -8.89 -7.54 -6.79
CA LYS A 9 -9.20 -6.50 -5.82
C LYS A 9 -8.28 -5.29 -6.01
N PRO A 10 -8.80 -4.09 -5.69
CA PRO A 10 -8.05 -2.85 -5.83
C PRO A 10 -6.93 -2.73 -4.81
N LEU A 11 -6.03 -1.77 -5.01
CA LEU A 11 -4.91 -1.57 -4.11
C LEU A 11 -5.13 -0.33 -3.23
N VAL A 12 -5.46 -0.57 -1.96
CA VAL A 12 -5.70 0.52 -1.02
C VAL A 12 -4.75 0.43 0.18
N CYS A 13 -4.37 1.58 0.71
CA CYS A 13 -3.47 1.63 1.85
C CYS A 13 -4.18 1.20 3.12
N ASN A 14 -3.70 0.12 3.74
CA ASN A 14 -4.28 -0.39 4.96
C ASN A 14 -3.96 0.51 6.15
N GLU A 15 -3.06 1.46 5.94
CA GLU A 15 -2.66 2.38 6.99
C GLU A 15 -3.66 3.54 7.09
N CYS A 16 -4.05 4.07 5.95
CA CYS A 16 -5.00 5.18 5.91
C CYS A 16 -6.31 4.76 5.24
N GLY A 17 -6.20 3.94 4.20
CA GLY A 17 -7.37 3.47 3.50
C GLY A 17 -7.59 4.22 2.19
N LYS A 18 -6.52 4.46 1.46
CA LYS A 18 -6.60 5.17 0.19
C LYS A 18 -6.37 4.21 -0.98
N THR A 19 -7.37 4.10 -1.85
CA THR A 19 -7.29 3.23 -3.01
C THR A 19 -6.32 3.78 -4.05
N PHE A 20 -5.77 2.90 -4.89
CA PHE A 20 -4.84 3.30 -5.92
C PHE A 20 -5.06 2.50 -7.20
N ARG A 21 -4.58 3.03 -8.31
CA ARG A 21 -4.72 2.36 -9.61
C ARG A 21 -3.50 1.51 -9.92
N GLN A 22 -2.31 2.08 -9.71
CA GLN A 22 -1.07 1.37 -9.97
C GLN A 22 -0.47 0.82 -8.68
N SER A 23 0.27 -0.28 -8.80
CA SER A 23 0.89 -0.90 -7.63
C SER A 23 1.94 0.02 -7.02
N SER A 24 2.92 0.40 -7.83
CA SER A 24 3.99 1.27 -7.36
C SER A 24 3.43 2.52 -6.69
N CYS A 25 2.27 2.96 -7.15
CA CYS A 25 1.62 4.14 -6.59
C CYS A 25 1.30 3.92 -5.11
N LEU A 26 0.50 2.91 -4.82
CA LEU A 26 0.12 2.60 -3.45
C LEU A 26 1.35 2.33 -2.58
N SER A 27 2.17 1.38 -3.02
CA SER A 27 3.37 1.03 -2.29
C SER A 27 4.26 2.25 -2.06
N LYS A 28 4.46 3.02 -3.13
CA LYS A 28 5.29 4.23 -3.05
C LYS A 28 4.66 5.25 -2.10
N HIS A 29 3.40 5.03 -1.75
CA HIS A 29 2.70 5.94 -0.84
C HIS A 29 2.75 5.41 0.59
N GLN A 30 2.68 4.10 0.75
CA GLN A 30 2.72 3.47 2.06
C GLN A 30 3.97 3.89 2.83
N ARG A 31 5.07 4.05 2.10
CA ARG A 31 6.34 4.45 2.70
C ARG A 31 6.16 5.66 3.60
N ILE A 32 5.07 6.41 3.37
CA ILE A 32 4.79 7.59 4.17
C ILE A 32 4.42 7.22 5.61
N HIS A 33 3.76 6.07 5.76
CA HIS A 33 3.35 5.59 7.08
C HIS A 33 4.45 4.77 7.72
N SER A 34 5.05 3.87 6.94
CA SER A 34 6.12 3.01 7.44
C SER A 34 7.01 3.77 8.43
N GLY A 35 7.49 4.94 8.00
CA GLY A 35 8.35 5.74 8.86
C GLY A 35 8.39 7.19 8.43
N GLU A 36 8.48 8.09 9.42
CA GLU A 36 8.52 9.52 9.14
C GLU A 36 9.49 10.23 10.09
N LYS A 37 9.77 11.50 9.80
CA LYS A 37 10.68 12.28 10.63
C LYS A 37 10.15 12.40 12.05
N PRO A 38 11.08 12.38 13.02
CA PRO A 38 10.73 12.48 14.45
C PRO A 38 10.22 13.87 14.82
N SER A 39 9.75 14.01 16.06
CA SER A 39 9.23 15.28 16.54
C SER A 39 10.01 15.78 17.75
N GLY A 40 9.82 17.04 18.10
CA GLY A 40 10.53 17.61 19.24
C GLY A 40 10.23 16.86 20.52
N PRO A 41 11.01 17.16 21.57
CA PRO A 41 10.86 16.53 22.88
C PRO A 41 9.58 16.95 23.58
N SER A 42 9.34 16.39 24.76
CA SER A 42 8.14 16.70 25.54
C SER A 42 6.88 16.32 24.76
N SER A 43 6.91 15.16 24.11
CA SER A 43 5.77 14.68 23.34
C SER A 43 4.70 14.10 24.25
N GLY A 44 5.07 13.10 25.04
CA GLY A 44 4.12 12.48 25.94
C GLY A 44 4.13 10.96 25.84
ZN ZN B . -1.71 5.55 3.39
N GLY A 1 -24.50 -7.68 -13.10
CA GLY A 1 -23.99 -6.51 -12.40
C GLY A 1 -23.04 -5.70 -13.25
N SER A 2 -21.77 -5.65 -12.83
CA SER A 2 -20.76 -4.88 -13.56
C SER A 2 -20.08 -5.75 -14.60
N SER A 3 -19.66 -5.14 -15.71
CA SER A 3 -18.99 -5.86 -16.78
C SER A 3 -17.48 -5.67 -16.69
N GLY A 4 -16.75 -6.40 -17.54
CA GLY A 4 -15.30 -6.31 -17.55
C GLY A 4 -14.71 -6.50 -16.17
N SER A 5 -14.73 -7.73 -15.68
CA SER A 5 -14.20 -8.04 -14.35
C SER A 5 -13.64 -9.46 -14.31
N SER A 6 -12.37 -9.58 -13.96
CA SER A 6 -11.72 -10.88 -13.87
C SER A 6 -11.90 -11.51 -12.50
N GLY A 7 -11.60 -10.73 -11.46
CA GLY A 7 -11.74 -11.23 -10.10
C GLY A 7 -10.61 -10.77 -9.20
N LYS A 8 -10.29 -9.48 -9.25
CA LYS A 8 -9.22 -8.92 -8.45
C LYS A 8 -9.71 -7.70 -7.66
N LYS A 9 -9.05 -7.42 -6.54
CA LYS A 9 -9.42 -6.28 -5.71
C LYS A 9 -8.45 -5.12 -5.90
N PRO A 10 -8.93 -3.90 -5.63
CA PRO A 10 -8.12 -2.69 -5.77
C PRO A 10 -7.02 -2.60 -4.72
N LEU A 11 -6.05 -1.73 -4.96
CA LEU A 11 -4.93 -1.54 -4.03
C LEU A 11 -5.16 -0.32 -3.15
N VAL A 12 -5.53 -0.56 -1.89
CA VAL A 12 -5.78 0.51 -0.95
C VAL A 12 -4.86 0.39 0.27
N CYS A 13 -4.44 1.54 0.79
CA CYS A 13 -3.55 1.56 1.95
C CYS A 13 -4.32 1.19 3.22
N ASN A 14 -3.91 0.10 3.85
CA ASN A 14 -4.56 -0.37 5.07
C ASN A 14 -4.24 0.55 6.25
N GLU A 15 -3.27 1.45 6.04
CA GLU A 15 -2.88 2.39 7.08
C GLU A 15 -3.84 3.58 7.15
N CYS A 16 -4.17 4.12 5.98
CA CYS A 16 -5.08 5.27 5.90
C CYS A 16 -6.37 4.88 5.17
N GLY A 17 -6.23 4.05 4.14
CA GLY A 17 -7.40 3.63 3.38
C GLY A 17 -7.52 4.36 2.06
N LYS A 18 -6.40 4.56 1.38
CA LYS A 18 -6.39 5.25 0.10
C LYS A 18 -6.20 4.27 -1.05
N THR A 19 -7.20 4.19 -1.93
CA THR A 19 -7.14 3.29 -3.07
C THR A 19 -6.18 3.81 -4.13
N PHE A 20 -5.74 2.91 -5.01
CA PHE A 20 -4.80 3.27 -6.08
C PHE A 20 -5.04 2.42 -7.32
N ARG A 21 -4.45 2.84 -8.44
CA ARG A 21 -4.59 2.12 -9.69
C ARG A 21 -3.31 1.39 -10.05
N GLN A 22 -2.18 2.03 -9.77
CA GLN A 22 -0.87 1.44 -10.07
C GLN A 22 -0.23 0.88 -8.80
N SER A 23 0.36 -0.30 -8.91
CA SER A 23 1.00 -0.95 -7.77
C SER A 23 2.00 0.00 -7.10
N SER A 24 2.69 0.79 -7.92
CA SER A 24 3.67 1.73 -7.41
C SER A 24 3.00 2.85 -6.61
N CYS A 25 1.89 3.35 -7.14
CA CYS A 25 1.15 4.43 -6.49
C CYS A 25 0.94 4.10 -5.00
N LEU A 26 0.37 2.94 -4.73
CA LEU A 26 0.11 2.52 -3.36
C LEU A 26 1.41 2.30 -2.60
N SER A 27 2.25 1.38 -3.10
CA SER A 27 3.53 1.09 -2.47
C SER A 27 4.30 2.37 -2.17
N LYS A 28 4.67 3.08 -3.24
CA LYS A 28 5.42 4.33 -3.10
C LYS A 28 4.74 5.25 -2.10
N HIS A 29 3.48 4.97 -1.78
CA HIS A 29 2.73 5.78 -0.84
C HIS A 29 2.78 5.17 0.56
N GLN A 30 2.77 3.85 0.63
CA GLN A 30 2.83 3.14 1.91
C GLN A 30 4.06 3.55 2.70
N ARG A 31 5.13 3.90 1.99
CA ARG A 31 6.37 4.30 2.63
C ARG A 31 6.15 5.49 3.55
N ILE A 32 5.05 6.21 3.32
CA ILE A 32 4.73 7.37 4.15
C ILE A 32 4.38 6.96 5.57
N HIS A 33 3.75 5.79 5.70
CA HIS A 33 3.36 5.29 7.01
C HIS A 33 4.43 4.37 7.58
N SER A 34 4.81 3.36 6.81
CA SER A 34 5.83 2.41 7.25
C SER A 34 7.11 3.13 7.65
N GLY A 35 7.47 3.01 8.92
CA GLY A 35 8.68 3.66 9.42
C GLY A 35 9.83 3.57 8.43
N GLU A 36 10.11 4.67 7.75
CA GLU A 36 11.19 4.71 6.77
C GLU A 36 12.54 4.94 7.47
N LYS A 37 13.61 4.50 6.82
CA LYS A 37 14.95 4.64 7.36
C LYS A 37 15.78 5.59 6.49
N PRO A 38 16.49 6.53 7.14
CA PRO A 38 17.33 7.50 6.45
C PRO A 38 18.58 6.86 5.85
N SER A 39 18.45 6.34 4.63
CA SER A 39 19.56 5.70 3.95
C SER A 39 19.82 6.34 2.59
N GLY A 40 21.02 6.89 2.42
CA GLY A 40 21.37 7.53 1.16
C GLY A 40 22.85 7.81 1.06
N PRO A 41 23.25 8.49 -0.03
CA PRO A 41 24.65 8.85 -0.28
C PRO A 41 25.17 9.89 0.71
N SER A 42 24.27 10.46 1.49
CA SER A 42 24.64 11.48 2.47
C SER A 42 25.64 10.92 3.48
N SER A 43 26.69 11.69 3.75
CA SER A 43 27.72 11.28 4.69
C SER A 43 28.34 12.48 5.39
N GLY A 44 28.68 12.32 6.65
CA GLY A 44 29.27 13.40 7.41
C GLY A 44 28.60 13.61 8.75
ZN ZN B . -1.72 5.46 3.46
N GLY A 1 -16.60 -14.88 -7.08
CA GLY A 1 -15.98 -14.09 -8.13
C GLY A 1 -15.15 -12.95 -7.58
N SER A 2 -14.35 -13.24 -6.57
CA SER A 2 -13.51 -12.23 -5.94
C SER A 2 -12.18 -12.09 -6.69
N SER A 3 -11.55 -13.23 -6.99
CA SER A 3 -10.27 -13.24 -7.69
C SER A 3 -10.20 -14.41 -8.66
N GLY A 4 -10.36 -14.11 -9.95
CA GLY A 4 -10.32 -15.15 -10.96
C GLY A 4 -9.83 -14.64 -12.30
N SER A 5 -10.18 -15.33 -13.37
CA SER A 5 -9.76 -14.94 -14.71
C SER A 5 -10.05 -13.47 -14.96
N SER A 6 -11.24 -13.02 -14.56
CA SER A 6 -11.63 -11.62 -14.74
C SER A 6 -11.99 -10.99 -13.40
N GLY A 7 -11.39 -9.84 -13.12
CA GLY A 7 -11.65 -9.15 -11.87
C GLY A 7 -10.52 -9.30 -10.87
N LYS A 8 -10.26 -8.24 -10.11
CA LYS A 8 -9.21 -8.27 -9.11
C LYS A 8 -9.45 -7.21 -8.03
N LYS A 9 -9.13 -7.55 -6.79
CA LYS A 9 -9.32 -6.64 -5.67
C LYS A 9 -8.37 -5.45 -5.77
N PRO A 10 -8.87 -4.25 -5.45
CA PRO A 10 -8.09 -3.02 -5.50
C PRO A 10 -7.02 -2.98 -4.41
N LEU A 11 -6.11 -2.01 -4.53
CA LEU A 11 -5.03 -1.85 -3.56
C LEU A 11 -5.24 -0.63 -2.69
N VAL A 12 -5.67 -0.85 -1.45
CA VAL A 12 -5.92 0.25 -0.52
C VAL A 12 -4.89 0.26 0.60
N CYS A 13 -4.52 1.46 1.04
CA CYS A 13 -3.54 1.62 2.10
C CYS A 13 -4.10 1.16 3.44
N ASN A 14 -3.51 0.11 4.01
CA ASN A 14 -3.95 -0.41 5.29
C ASN A 14 -3.65 0.56 6.43
N GLU A 15 -2.99 1.66 6.09
CA GLU A 15 -2.64 2.67 7.07
C GLU A 15 -3.67 3.81 7.09
N CYS A 16 -3.98 4.32 5.90
CA CYS A 16 -4.94 5.41 5.77
C CYS A 16 -6.23 4.92 5.11
N GLY A 17 -6.08 3.95 4.22
CA GLY A 17 -7.24 3.41 3.53
C GLY A 17 -7.50 4.09 2.20
N LYS A 18 -6.43 4.30 1.43
CA LYS A 18 -6.54 4.96 0.13
C LYS A 18 -6.35 3.96 -0.99
N THR A 19 -7.37 3.79 -1.82
CA THR A 19 -7.31 2.86 -2.95
C THR A 19 -6.51 3.45 -4.10
N PHE A 20 -5.64 2.64 -4.69
CA PHE A 20 -4.81 3.08 -5.80
C PHE A 20 -4.99 2.16 -7.00
N ARG A 21 -4.85 2.73 -8.20
CA ARG A 21 -5.00 1.96 -9.43
C ARG A 21 -3.80 1.04 -9.65
N GLN A 22 -2.61 1.63 -9.76
CA GLN A 22 -1.39 0.86 -9.97
C GLN A 22 -0.89 0.28 -8.66
N SER A 23 0.08 -0.63 -8.76
CA SER A 23 0.65 -1.26 -7.57
C SER A 23 1.76 -0.41 -6.98
N SER A 24 2.69 0.03 -7.82
CA SER A 24 3.80 0.85 -7.37
C SER A 24 3.30 2.10 -6.66
N CYS A 25 2.16 2.62 -7.11
CA CYS A 25 1.58 3.82 -6.51
C CYS A 25 1.34 3.62 -5.02
N LEU A 26 0.49 2.64 -4.69
CA LEU A 26 0.17 2.35 -3.30
C LEU A 26 1.44 2.18 -2.47
N SER A 27 2.28 1.23 -2.87
CA SER A 27 3.52 0.97 -2.16
C SER A 27 4.33 2.25 -1.99
N LYS A 28 4.64 2.91 -3.09
CA LYS A 28 5.41 4.15 -3.06
C LYS A 28 4.71 5.20 -2.20
N HIS A 29 3.45 4.94 -1.88
CA HIS A 29 2.67 5.85 -1.06
C HIS A 29 2.72 5.45 0.42
N GLN A 30 2.71 4.15 0.66
CA GLN A 30 2.75 3.63 2.02
C GLN A 30 3.99 4.15 2.76
N ARG A 31 5.10 4.26 2.05
CA ARG A 31 6.35 4.74 2.63
C ARG A 31 6.11 6.02 3.44
N ILE A 32 5.03 6.74 3.11
CA ILE A 32 4.69 7.97 3.79
C ILE A 32 4.35 7.71 5.26
N HIS A 33 3.71 6.58 5.52
CA HIS A 33 3.32 6.20 6.87
C HIS A 33 4.46 5.47 7.58
N SER A 34 4.99 4.45 6.91
CA SER A 34 6.08 3.66 7.47
C SER A 34 7.27 4.54 7.83
N GLY A 35 8.11 4.05 8.73
CA GLY A 35 9.27 4.80 9.14
C GLY A 35 10.28 3.95 9.91
N GLU A 36 11.15 4.61 10.66
CA GLU A 36 12.17 3.91 11.43
C GLU A 36 11.65 3.58 12.83
N LYS A 37 12.12 2.47 13.39
CA LYS A 37 11.71 2.03 14.71
C LYS A 37 12.19 3.02 15.78
N PRO A 38 11.46 3.09 16.90
CA PRO A 38 11.81 3.98 18.00
C PRO A 38 13.06 3.54 18.75
N SER A 39 13.50 4.35 19.71
CA SER A 39 14.69 4.04 20.49
C SER A 39 14.37 3.04 21.59
N GLY A 40 15.08 1.92 21.60
CA GLY A 40 14.87 0.89 22.60
C GLY A 40 16.04 0.75 23.54
N PRO A 41 16.18 -0.45 24.14
CA PRO A 41 17.26 -0.74 25.08
C PRO A 41 18.61 -0.84 24.38
N SER A 42 19.27 0.31 24.20
CA SER A 42 20.57 0.34 23.55
C SER A 42 21.53 -0.65 24.17
N SER A 43 21.62 -0.62 25.50
CA SER A 43 22.51 -1.52 26.23
C SER A 43 22.33 -2.96 25.76
N GLY A 44 21.07 -3.37 25.60
CA GLY A 44 20.78 -4.72 25.16
C GLY A 44 19.35 -4.88 24.67
ZN ZN B . -1.73 5.69 3.16
N GLY A 1 2.05 -16.52 -22.19
CA GLY A 1 2.44 -17.18 -20.97
C GLY A 1 2.52 -16.24 -19.79
N SER A 2 1.43 -15.50 -19.55
CA SER A 2 1.37 -14.55 -18.46
C SER A 2 0.43 -15.03 -17.36
N SER A 3 0.98 -15.29 -16.19
CA SER A 3 0.19 -15.77 -15.06
C SER A 3 0.58 -15.04 -13.78
N GLY A 4 -0.34 -15.02 -12.81
CA GLY A 4 -0.08 -14.36 -11.55
C GLY A 4 -1.34 -14.12 -10.74
N SER A 5 -1.86 -12.91 -10.81
CA SER A 5 -3.07 -12.55 -10.07
C SER A 5 -4.07 -11.84 -10.98
N SER A 6 -5.32 -12.28 -10.94
CA SER A 6 -6.37 -11.69 -11.77
C SER A 6 -6.48 -10.19 -11.49
N GLY A 7 -6.55 -9.84 -10.21
CA GLY A 7 -6.67 -8.43 -9.83
C GLY A 7 -8.11 -7.96 -9.80
N LYS A 8 -8.89 -8.51 -8.88
CA LYS A 8 -10.29 -8.15 -8.74
C LYS A 8 -10.46 -7.02 -7.73
N LYS A 9 -9.88 -7.21 -6.54
CA LYS A 9 -9.97 -6.21 -5.48
C LYS A 9 -8.96 -5.09 -5.70
N PRO A 10 -9.39 -3.84 -5.46
CA PRO A 10 -8.55 -2.66 -5.62
C PRO A 10 -7.43 -2.59 -4.58
N LEU A 11 -6.40 -1.80 -4.86
CA LEU A 11 -5.28 -1.64 -3.95
C LEU A 11 -5.43 -0.39 -3.10
N VAL A 12 -5.84 -0.57 -1.84
CA VAL A 12 -6.03 0.54 -0.93
C VAL A 12 -5.11 0.42 0.27
N CYS A 13 -4.64 1.57 0.78
CA CYS A 13 -3.74 1.59 1.93
C CYS A 13 -4.49 1.20 3.20
N ASN A 14 -4.15 0.02 3.73
CA ASN A 14 -4.78 -0.47 4.95
C ASN A 14 -4.37 0.36 6.15
N GLU A 15 -3.48 1.32 5.93
CA GLU A 15 -3.00 2.18 6.99
C GLU A 15 -3.85 3.45 7.11
N CYS A 16 -4.20 4.02 5.96
CA CYS A 16 -5.01 5.23 5.93
C CYS A 16 -6.34 4.98 5.21
N GLY A 17 -6.29 4.13 4.19
CA GLY A 17 -7.50 3.81 3.43
C GLY A 17 -7.57 4.57 2.12
N LYS A 18 -6.44 4.65 1.42
CA LYS A 18 -6.38 5.34 0.13
C LYS A 18 -6.27 4.34 -1.02
N THR A 19 -7.27 4.36 -1.90
CA THR A 19 -7.28 3.46 -3.04
C THR A 19 -6.42 4.00 -4.19
N PHE A 20 -5.75 3.09 -4.89
CA PHE A 20 -4.89 3.47 -6.01
C PHE A 20 -5.24 2.68 -7.26
N ARG A 21 -4.65 3.06 -8.38
CA ARG A 21 -4.89 2.38 -9.65
C ARG A 21 -3.88 1.25 -9.86
N GLN A 22 -2.61 1.57 -9.71
CA GLN A 22 -1.54 0.57 -9.89
C GLN A 22 -0.97 0.15 -8.54
N SER A 23 -0.16 -0.90 -8.56
CA SER A 23 0.46 -1.40 -7.33
C SER A 23 1.61 -0.51 -6.89
N SER A 24 2.40 -0.05 -7.86
CA SER A 24 3.54 0.81 -7.56
C SER A 24 3.08 2.10 -6.88
N CYS A 25 1.95 2.64 -7.33
CA CYS A 25 1.41 3.86 -6.75
C CYS A 25 1.14 3.70 -5.27
N LEU A 26 0.31 2.72 -4.92
CA LEU A 26 -0.03 2.45 -3.54
C LEU A 26 1.22 2.16 -2.71
N SER A 27 2.10 1.34 -3.26
CA SER A 27 3.34 0.97 -2.57
C SER A 27 4.18 2.22 -2.28
N LYS A 28 4.56 2.93 -3.34
CA LYS A 28 5.35 4.13 -3.19
C LYS A 28 4.71 5.11 -2.22
N HIS A 29 3.43 4.88 -1.91
CA HIS A 29 2.70 5.73 -0.98
C HIS A 29 2.74 5.16 0.43
N GLN A 30 2.73 3.83 0.54
CA GLN A 30 2.76 3.17 1.83
C GLN A 30 4.02 3.54 2.61
N ARG A 31 5.12 3.71 1.89
CA ARG A 31 6.39 4.08 2.51
C ARG A 31 6.21 5.28 3.42
N ILE A 32 5.14 6.04 3.21
CA ILE A 32 4.86 7.21 4.03
C ILE A 32 4.51 6.83 5.46
N HIS A 33 3.87 5.68 5.61
CA HIS A 33 3.49 5.19 6.94
C HIS A 33 4.56 4.29 7.52
N SER A 34 5.09 3.39 6.69
CA SER A 34 6.12 2.46 7.13
C SER A 34 7.21 2.31 6.06
N GLY A 35 8.42 2.73 6.39
CA GLY A 35 9.52 2.64 5.45
C GLY A 35 10.09 4.00 5.08
N GLU A 36 10.30 4.84 6.08
CA GLU A 36 10.84 6.18 5.86
C GLU A 36 12.28 6.26 6.33
N LYS A 37 13.07 7.10 5.66
CA LYS A 37 14.48 7.28 6.00
C LYS A 37 14.63 7.90 7.37
N PRO A 38 15.57 7.38 8.17
CA PRO A 38 15.83 7.88 9.52
C PRO A 38 16.48 9.27 9.51
N SER A 39 16.47 9.91 8.35
CA SER A 39 17.06 11.23 8.20
C SER A 39 16.89 12.05 9.48
N GLY A 40 15.65 12.16 9.95
CA GLY A 40 15.37 12.91 11.15
C GLY A 40 14.37 12.22 12.05
N PRO A 41 14.69 12.13 13.35
CA PRO A 41 13.83 11.49 14.34
C PRO A 41 12.56 12.28 14.61
N SER A 42 12.69 13.61 14.60
CA SER A 42 11.56 14.49 14.85
C SER A 42 10.80 14.79 13.56
N SER A 43 9.49 14.65 13.59
CA SER A 43 8.65 14.91 12.43
C SER A 43 7.22 15.23 12.83
N GLY A 44 6.53 15.98 11.99
CA GLY A 44 5.16 16.36 12.28
C GLY A 44 4.98 17.85 12.41
ZN ZN B . -1.63 5.40 3.29
N GLY A 1 -8.21 -9.55 -19.00
CA GLY A 1 -6.81 -9.92 -19.16
C GLY A 1 -6.65 -11.37 -19.59
N SER A 2 -5.76 -11.61 -20.54
CA SER A 2 -5.51 -12.96 -21.04
C SER A 2 -5.51 -13.96 -19.90
N SER A 3 -4.62 -13.74 -18.94
CA SER A 3 -4.51 -14.64 -17.79
C SER A 3 -5.22 -14.05 -16.57
N GLY A 4 -5.89 -14.91 -15.81
CA GLY A 4 -6.61 -14.46 -14.64
C GLY A 4 -5.68 -13.96 -13.54
N SER A 5 -5.81 -12.69 -13.20
CA SER A 5 -4.97 -12.08 -12.17
C SER A 5 -5.45 -12.48 -10.77
N SER A 6 -4.62 -12.22 -9.77
CA SER A 6 -4.95 -12.55 -8.40
C SER A 6 -5.78 -11.45 -7.76
N GLY A 7 -7.05 -11.74 -7.51
CA GLY A 7 -7.94 -10.76 -6.90
C GLY A 7 -8.06 -9.50 -7.72
N LYS A 8 -9.23 -9.31 -8.32
CA LYS A 8 -9.48 -8.13 -9.15
C LYS A 8 -9.82 -6.92 -8.29
N LYS A 9 -9.57 -7.03 -6.99
CA LYS A 9 -9.84 -5.95 -6.05
C LYS A 9 -8.85 -4.80 -6.24
N PRO A 10 -9.29 -3.59 -5.91
CA PRO A 10 -8.45 -2.39 -6.02
C PRO A 10 -7.32 -2.36 -5.00
N LEU A 11 -6.38 -1.44 -5.18
CA LEU A 11 -5.25 -1.32 -4.26
C LEU A 11 -5.42 -0.11 -3.35
N VAL A 12 -5.82 -0.36 -2.10
CA VAL A 12 -6.02 0.71 -1.14
C VAL A 12 -5.09 0.53 0.06
N CYS A 13 -4.66 1.65 0.64
CA CYS A 13 -3.77 1.62 1.79
C CYS A 13 -4.53 1.21 3.06
N ASN A 14 -4.21 0.03 3.58
CA ASN A 14 -4.86 -0.47 4.78
C ASN A 14 -4.46 0.35 6.00
N GLU A 15 -3.57 1.31 5.80
CA GLU A 15 -3.09 2.16 6.89
C GLU A 15 -3.96 3.41 7.00
N CYS A 16 -4.27 4.03 5.86
CA CYS A 16 -5.08 5.23 5.84
C CYS A 16 -6.40 4.98 5.11
N GLY A 17 -6.35 4.14 4.08
CA GLY A 17 -7.55 3.83 3.32
C GLY A 17 -7.62 4.62 2.03
N LYS A 18 -6.50 4.73 1.33
CA LYS A 18 -6.44 5.46 0.08
C LYS A 18 -6.31 4.51 -1.11
N THR A 19 -7.29 4.53 -2.01
CA THR A 19 -7.27 3.67 -3.17
C THR A 19 -6.40 4.24 -4.28
N PHE A 20 -5.77 3.38 -5.05
CA PHE A 20 -4.90 3.80 -6.14
C PHE A 20 -5.18 3.01 -7.41
N ARG A 21 -4.69 3.51 -8.54
CA ARG A 21 -4.89 2.84 -9.82
C ARG A 21 -3.74 1.89 -10.13
N GLN A 22 -2.52 2.37 -9.96
CA GLN A 22 -1.34 1.56 -10.22
C GLN A 22 -0.86 0.87 -8.95
N SER A 23 0.04 -0.10 -9.11
CA SER A 23 0.57 -0.84 -7.99
C SER A 23 1.68 -0.04 -7.28
N SER A 24 2.56 0.56 -8.07
CA SER A 24 3.66 1.34 -7.52
C SER A 24 3.13 2.56 -6.76
N CYS A 25 2.01 3.10 -7.23
CA CYS A 25 1.41 4.26 -6.59
C CYS A 25 1.11 3.99 -5.12
N LEU A 26 0.34 2.93 -4.86
CA LEU A 26 -0.01 2.56 -3.50
C LEU A 26 1.22 2.18 -2.70
N SER A 27 1.99 1.24 -3.21
CA SER A 27 3.21 0.80 -2.54
C SER A 27 4.12 1.98 -2.21
N LYS A 28 4.54 2.69 -3.25
CA LYS A 28 5.41 3.85 -3.07
C LYS A 28 4.81 4.84 -2.08
N HIS A 29 3.53 4.67 -1.79
CA HIS A 29 2.83 5.55 -0.85
C HIS A 29 2.81 4.94 0.55
N GLN A 30 2.66 3.63 0.62
CA GLN A 30 2.63 2.92 1.89
C GLN A 30 3.91 3.18 2.69
N ARG A 31 5.02 3.30 1.99
CA ARG A 31 6.31 3.55 2.64
C ARG A 31 6.21 4.70 3.63
N ILE A 32 5.20 5.55 3.43
CA ILE A 32 4.99 6.70 4.30
C ILE A 32 4.57 6.26 5.70
N HIS A 33 3.80 5.17 5.77
CA HIS A 33 3.33 4.65 7.03
C HIS A 33 4.31 3.63 7.61
N SER A 34 4.77 2.72 6.75
CA SER A 34 5.73 1.70 7.18
C SER A 34 6.74 2.26 8.17
N GLY A 35 7.25 3.46 7.88
CA GLY A 35 8.22 4.09 8.75
C GLY A 35 7.57 4.76 9.94
N GLU A 36 7.26 6.05 9.80
CA GLU A 36 6.64 6.80 10.88
C GLU A 36 5.29 6.19 11.26
N LYS A 37 4.71 6.68 12.36
CA LYS A 37 3.43 6.19 12.84
C LYS A 37 2.30 7.12 12.41
N PRO A 38 1.11 6.55 12.18
CA PRO A 38 -0.07 7.31 11.78
C PRO A 38 -0.60 8.20 12.90
N SER A 39 0.16 8.30 13.97
CA SER A 39 -0.24 9.11 15.12
C SER A 39 -0.84 10.44 14.66
N GLY A 40 -0.24 11.04 13.63
CA GLY A 40 -0.74 12.30 13.11
C GLY A 40 -1.57 12.13 11.86
N PRO A 41 -2.81 12.64 11.89
CA PRO A 41 -3.73 12.54 10.75
C PRO A 41 -3.29 13.42 9.58
N SER A 42 -2.42 12.88 8.73
CA SER A 42 -1.92 13.62 7.58
C SER A 42 -2.38 12.96 6.27
N SER A 43 -3.13 13.71 5.48
CA SER A 43 -3.64 13.20 4.21
C SER A 43 -3.39 14.21 3.08
N GLY A 44 -3.08 13.69 1.91
CA GLY A 44 -2.82 14.55 0.76
C GLY A 44 -2.04 15.79 1.14
ZN ZN B . -1.64 5.35 3.33
N GLY A 1 -9.84 -10.31 -15.79
CA GLY A 1 -10.01 -10.11 -17.21
C GLY A 1 -9.53 -11.30 -18.03
N SER A 2 -8.33 -11.18 -18.59
CA SER A 2 -7.76 -12.24 -19.41
C SER A 2 -6.85 -13.13 -18.56
N SER A 3 -6.41 -14.24 -19.15
CA SER A 3 -5.54 -15.17 -18.45
C SER A 3 -4.21 -14.52 -18.10
N GLY A 4 -3.64 -14.91 -16.97
CA GLY A 4 -2.36 -14.35 -16.55
C GLY A 4 -2.54 -13.12 -15.69
N SER A 5 -3.41 -12.21 -16.12
CA SER A 5 -3.66 -10.98 -15.38
C SER A 5 -4.22 -11.28 -13.99
N SER A 6 -3.87 -10.44 -13.03
CA SER A 6 -4.34 -10.61 -11.65
C SER A 6 -4.65 -9.27 -11.02
N GLY A 7 -5.75 -9.23 -10.26
CA GLY A 7 -6.14 -7.99 -9.59
C GLY A 7 -7.64 -7.75 -9.69
N LYS A 8 -8.41 -8.43 -8.85
CA LYS A 8 -9.86 -8.27 -8.84
C LYS A 8 -10.27 -7.10 -7.96
N LYS A 9 -9.81 -7.11 -6.71
CA LYS A 9 -10.13 -6.04 -5.77
C LYS A 9 -9.16 -4.87 -5.91
N PRO A 10 -9.63 -3.67 -5.54
CA PRO A 10 -8.81 -2.45 -5.62
C PRO A 10 -7.68 -2.45 -4.59
N LEU A 11 -6.72 -1.54 -4.79
CA LEU A 11 -5.58 -1.44 -3.89
C LEU A 11 -5.72 -0.22 -2.97
N VAL A 12 -6.09 -0.47 -1.72
CA VAL A 12 -6.27 0.61 -0.75
C VAL A 12 -5.27 0.47 0.40
N CYS A 13 -4.77 1.60 0.88
CA CYS A 13 -3.82 1.60 1.99
C CYS A 13 -4.49 1.18 3.30
N ASN A 14 -4.13 0.01 3.79
CA ASN A 14 -4.68 -0.50 5.03
C ASN A 14 -4.32 0.38 6.21
N GLU A 15 -3.38 1.32 5.97
CA GLU A 15 -2.93 2.23 7.01
C GLU A 15 -3.87 3.43 7.12
N CYS A 16 -4.11 4.10 5.99
CA CYS A 16 -4.97 5.26 5.96
C CYS A 16 -6.29 4.94 5.26
N GLY A 17 -6.22 4.12 4.21
CA GLY A 17 -7.41 3.75 3.48
C GLY A 17 -7.55 4.50 2.17
N LYS A 18 -6.44 4.64 1.46
CA LYS A 18 -6.44 5.35 0.17
C LYS A 18 -6.34 4.36 -0.98
N THR A 19 -7.36 4.36 -1.84
CA THR A 19 -7.38 3.47 -3.00
C THR A 19 -6.43 3.96 -4.09
N PHE A 20 -5.87 3.02 -4.84
CA PHE A 20 -4.95 3.36 -5.93
C PHE A 20 -5.27 2.56 -7.18
N ARG A 21 -4.65 2.94 -8.29
CA ARG A 21 -4.88 2.26 -9.57
C ARG A 21 -3.87 1.13 -9.76
N GLN A 22 -2.59 1.49 -9.81
CA GLN A 22 -1.54 0.49 -10.00
C GLN A 22 -0.95 0.07 -8.66
N SER A 23 -0.05 -0.90 -8.69
CA SER A 23 0.59 -1.41 -7.48
C SER A 23 1.68 -0.43 -7.00
N SER A 24 2.59 -0.08 -7.90
CA SER A 24 3.68 0.83 -7.57
C SER A 24 3.13 2.08 -6.87
N CYS A 25 1.95 2.52 -7.30
CA CYS A 25 1.33 3.70 -6.71
C CYS A 25 1.08 3.52 -5.22
N LEU A 26 0.21 2.55 -4.89
CA LEU A 26 -0.11 2.28 -3.50
C LEU A 26 1.15 2.03 -2.68
N SER A 27 1.98 1.09 -3.14
CA SER A 27 3.22 0.75 -2.45
C SER A 27 4.07 2.00 -2.23
N LYS A 28 4.39 2.68 -3.33
CA LYS A 28 5.21 3.89 -3.26
C LYS A 28 4.59 4.91 -2.31
N HIS A 29 3.34 4.69 -1.95
CA HIS A 29 2.63 5.59 -1.04
C HIS A 29 2.72 5.08 0.39
N GLN A 30 2.67 3.76 0.56
CA GLN A 30 2.73 3.14 1.87
C GLN A 30 4.00 3.55 2.60
N ARG A 31 5.10 3.68 1.84
CA ARG A 31 6.38 4.06 2.42
C ARG A 31 6.24 5.30 3.30
N ILE A 32 5.17 6.05 3.08
CA ILE A 32 4.91 7.26 3.85
C ILE A 32 4.60 6.93 5.31
N HIS A 33 3.93 5.79 5.52
CA HIS A 33 3.58 5.36 6.87
C HIS A 33 4.70 4.53 7.48
N SER A 34 5.26 3.63 6.69
CA SER A 34 6.34 2.76 7.16
C SER A 34 7.58 3.58 7.49
N GLY A 35 8.61 2.91 8.01
CA GLY A 35 9.84 3.60 8.37
C GLY A 35 10.61 2.86 9.44
N GLU A 36 11.43 1.90 9.05
CA GLU A 36 12.23 1.13 9.99
C GLU A 36 13.55 1.82 10.29
N LYS A 37 14.17 1.46 11.40
CA LYS A 37 15.44 2.05 11.80
C LYS A 37 16.53 1.72 10.79
N PRO A 38 17.21 2.77 10.29
CA PRO A 38 18.28 2.62 9.30
C PRO A 38 19.54 1.99 9.91
N SER A 39 19.65 0.67 9.79
CA SER A 39 20.80 -0.05 10.33
C SER A 39 22.10 0.46 9.71
N GLY A 40 22.16 0.48 8.38
CA GLY A 40 23.35 0.95 7.70
C GLY A 40 23.23 2.39 7.25
N PRO A 41 24.37 3.07 7.12
CA PRO A 41 24.41 4.47 6.68
C PRO A 41 24.03 4.64 5.22
N SER A 42 23.65 3.53 4.57
CA SER A 42 23.27 3.56 3.17
C SER A 42 22.54 4.87 2.84
N SER A 43 21.41 5.09 3.48
CA SER A 43 20.62 6.29 3.25
C SER A 43 21.02 7.40 4.22
N GLY A 44 20.86 7.14 5.51
CA GLY A 44 21.21 8.12 6.53
C GLY A 44 22.60 8.67 6.35
ZN ZN B . -1.66 5.40 3.32
N GLY A 1 -12.93 -14.53 -9.22
CA GLY A 1 -12.72 -15.83 -9.83
C GLY A 1 -13.60 -16.90 -9.23
N SER A 2 -12.99 -17.95 -8.70
CA SER A 2 -13.72 -19.06 -8.10
C SER A 2 -13.39 -19.19 -6.61
N SER A 3 -12.79 -18.14 -6.05
CA SER A 3 -12.42 -18.14 -4.65
C SER A 3 -13.53 -17.55 -3.78
N GLY A 4 -13.88 -16.29 -4.07
CA GLY A 4 -14.93 -15.63 -3.30
C GLY A 4 -14.88 -14.12 -3.45
N SER A 5 -13.98 -13.49 -2.72
CA SER A 5 -13.84 -12.03 -2.77
C SER A 5 -12.53 -11.63 -3.44
N SER A 6 -11.50 -12.42 -3.21
CA SER A 6 -10.19 -12.14 -3.80
C SER A 6 -10.24 -12.25 -5.32
N GLY A 7 -10.29 -11.11 -5.99
CA GLY A 7 -10.34 -11.09 -7.44
C GLY A 7 -10.36 -9.69 -8.01
N LYS A 8 -9.42 -9.39 -8.89
CA LYS A 8 -9.32 -8.07 -9.51
C LYS A 8 -9.56 -6.98 -8.48
N LYS A 9 -9.15 -7.23 -7.24
CA LYS A 9 -9.33 -6.26 -6.17
C LYS A 9 -8.42 -5.05 -6.37
N PRO A 10 -8.93 -3.86 -6.01
CA PRO A 10 -8.18 -2.61 -6.16
C PRO A 10 -7.01 -2.52 -5.19
N LEU A 11 -6.20 -1.47 -5.32
CA LEU A 11 -5.05 -1.26 -4.47
C LEU A 11 -5.30 -0.11 -3.49
N VAL A 12 -5.58 -0.46 -2.24
CA VAL A 12 -5.84 0.54 -1.21
C VAL A 12 -4.86 0.40 -0.05
N CYS A 13 -4.49 1.53 0.54
CA CYS A 13 -3.55 1.53 1.66
C CYS A 13 -4.24 1.04 2.94
N ASN A 14 -3.79 -0.11 3.43
CA ASN A 14 -4.35 -0.70 4.65
C ASN A 14 -3.99 0.14 5.87
N GLU A 15 -3.20 1.19 5.65
CA GLU A 15 -2.78 2.06 6.74
C GLU A 15 -3.75 3.22 6.91
N CYS A 16 -4.18 3.79 5.79
CA CYS A 16 -5.11 4.92 5.81
C CYS A 16 -6.42 4.55 5.12
N GLY A 17 -6.31 3.76 4.06
CA GLY A 17 -7.50 3.34 3.33
C GLY A 17 -7.71 4.16 2.06
N LYS A 18 -6.63 4.41 1.33
CA LYS A 18 -6.70 5.18 0.10
C LYS A 18 -6.44 4.30 -1.12
N THR A 19 -7.41 4.23 -2.01
CA THR A 19 -7.29 3.42 -3.22
C THR A 19 -6.40 4.11 -4.25
N PHE A 20 -5.73 3.31 -5.07
CA PHE A 20 -4.85 3.84 -6.10
C PHE A 20 -5.09 3.16 -7.44
N ARG A 21 -4.40 3.61 -8.48
CA ARG A 21 -4.56 3.05 -9.81
C ARG A 21 -3.59 1.89 -10.02
N GLN A 22 -2.29 2.18 -9.89
CA GLN A 22 -1.26 1.16 -10.07
C GLN A 22 -0.68 0.74 -8.73
N SER A 23 0.22 -0.25 -8.76
CA SER A 23 0.84 -0.76 -7.55
C SER A 23 1.89 0.24 -7.02
N SER A 24 2.93 0.45 -7.83
CA SER A 24 4.00 1.36 -7.45
C SER A 24 3.44 2.60 -6.75
N CYS A 25 2.30 3.08 -7.23
CA CYS A 25 1.66 4.26 -6.65
C CYS A 25 1.29 4.01 -5.19
N LEU A 26 0.43 3.02 -4.96
CA LEU A 26 0.01 2.68 -3.61
C LEU A 26 1.19 2.35 -2.72
N SER A 27 2.03 1.42 -3.17
CA SER A 27 3.20 1.01 -2.42
C SER A 27 4.09 2.21 -2.10
N LYS A 28 4.49 2.92 -3.15
CA LYS A 28 5.34 4.10 -2.98
C LYS A 28 4.71 5.09 -2.01
N HIS A 29 3.43 4.90 -1.72
CA HIS A 29 2.72 5.78 -0.79
C HIS A 29 2.71 5.20 0.61
N GLN A 30 2.58 3.88 0.70
CA GLN A 30 2.55 3.20 2.00
C GLN A 30 3.81 3.51 2.80
N ARG A 31 4.93 3.66 2.10
CA ARG A 31 6.20 3.96 2.75
C ARG A 31 6.06 5.13 3.72
N ILE A 32 5.04 5.95 3.50
CA ILE A 32 4.78 7.11 4.34
C ILE A 32 4.38 6.68 5.75
N HIS A 33 3.65 5.57 5.84
CA HIS A 33 3.20 5.04 7.12
C HIS A 33 4.25 4.13 7.73
N SER A 34 4.65 3.11 6.98
CA SER A 34 5.64 2.15 7.45
C SER A 34 5.22 1.53 8.79
N GLY A 35 3.93 1.23 8.90
CA GLY A 35 3.41 0.63 10.12
C GLY A 35 3.34 -0.88 10.05
N GLU A 36 2.64 -1.48 10.99
CA GLU A 36 2.49 -2.93 11.03
C GLU A 36 1.09 -3.35 10.60
N LYS A 37 0.93 -4.64 10.26
CA LYS A 37 -0.35 -5.16 9.83
C LYS A 37 -1.33 -5.24 11.00
N PRO A 38 -2.63 -5.25 10.68
CA PRO A 38 -3.70 -5.32 11.70
C PRO A 38 -3.75 -6.68 12.38
N SER A 39 -2.98 -6.84 13.45
CA SER A 39 -2.94 -8.09 14.19
C SER A 39 -2.57 -9.26 13.27
N GLY A 40 -1.61 -9.02 12.38
CA GLY A 40 -1.18 -10.05 11.46
C GLY A 40 -0.06 -10.91 12.02
N PRO A 41 1.05 -11.00 11.27
CA PRO A 41 2.21 -11.80 11.69
C PRO A 41 2.94 -11.18 12.88
N SER A 42 2.41 -10.08 13.39
CA SER A 42 3.01 -9.38 14.52
C SER A 42 4.46 -9.03 14.23
N SER A 43 4.72 -8.57 13.01
CA SER A 43 6.07 -8.21 12.60
C SER A 43 6.04 -7.11 11.53
N GLY A 44 7.07 -6.27 11.51
CA GLY A 44 7.14 -5.20 10.55
C GLY A 44 8.55 -4.97 10.03
ZN ZN B . -1.74 5.37 3.30
N GLY A 1 7.24 -10.57 -11.23
CA GLY A 1 6.35 -10.00 -10.22
C GLY A 1 4.90 -10.25 -10.54
N SER A 2 4.48 -9.90 -11.74
CA SER A 2 3.09 -10.08 -12.15
C SER A 2 3.01 -10.38 -13.65
N SER A 3 1.96 -11.10 -14.04
CA SER A 3 1.75 -11.46 -15.45
C SER A 3 0.97 -10.36 -16.18
N GLY A 4 0.95 -9.17 -15.59
CA GLY A 4 0.22 -8.07 -16.20
C GLY A 4 -1.27 -8.29 -16.23
N SER A 5 -1.83 -8.69 -15.10
CA SER A 5 -3.26 -8.95 -15.00
C SER A 5 -3.94 -7.92 -14.09
N SER A 6 -5.26 -7.98 -14.00
CA SER A 6 -6.02 -7.06 -13.18
C SER A 6 -6.62 -7.78 -11.97
N GLY A 7 -6.18 -7.38 -10.78
CA GLY A 7 -6.68 -7.98 -9.56
C GLY A 7 -8.14 -7.66 -9.30
N LYS A 8 -8.91 -8.65 -8.91
CA LYS A 8 -10.33 -8.46 -8.62
C LYS A 8 -10.54 -7.36 -7.59
N LYS A 9 -9.79 -7.42 -6.50
CA LYS A 9 -9.89 -6.42 -5.44
C LYS A 9 -8.87 -5.30 -5.66
N PRO A 10 -9.32 -4.06 -5.43
CA PRO A 10 -8.47 -2.87 -5.58
C PRO A 10 -7.38 -2.79 -4.53
N LEU A 11 -6.39 -1.93 -4.76
CA LEU A 11 -5.28 -1.76 -3.82
C LEU A 11 -5.48 -0.50 -2.99
N VAL A 12 -5.91 -0.68 -1.74
CA VAL A 12 -6.13 0.45 -0.83
C VAL A 12 -5.22 0.35 0.39
N CYS A 13 -4.58 1.46 0.73
CA CYS A 13 -3.68 1.50 1.88
C CYS A 13 -4.41 1.11 3.15
N ASN A 14 -4.01 -0.01 3.74
CA ASN A 14 -4.63 -0.50 4.97
C ASN A 14 -4.22 0.35 6.17
N GLU A 15 -3.44 1.40 5.89
CA GLU A 15 -2.98 2.29 6.95
C GLU A 15 -3.87 3.52 7.05
N CYS A 16 -4.18 4.11 5.90
CA CYS A 16 -5.03 5.31 5.84
C CYS A 16 -6.38 4.98 5.22
N GLY A 17 -6.36 4.13 4.19
CA GLY A 17 -7.59 3.76 3.52
C GLY A 17 -7.76 4.46 2.19
N LYS A 18 -6.67 4.57 1.44
CA LYS A 18 -6.70 5.22 0.13
C LYS A 18 -6.49 4.21 -0.99
N THR A 19 -7.41 4.20 -1.95
CA THR A 19 -7.32 3.29 -3.08
C THR A 19 -6.42 3.84 -4.17
N PHE A 20 -5.74 2.95 -4.88
CA PHE A 20 -4.85 3.36 -5.96
C PHE A 20 -5.15 2.59 -7.24
N ARG A 21 -4.70 3.12 -8.37
CA ARG A 21 -4.92 2.49 -9.67
C ARG A 21 -3.85 1.45 -9.95
N GLN A 22 -2.58 1.86 -9.85
CA GLN A 22 -1.46 0.97 -10.10
C GLN A 22 -0.97 0.34 -8.81
N SER A 23 -0.08 -0.64 -8.94
CA SER A 23 0.47 -1.33 -7.77
C SER A 23 1.58 -0.51 -7.13
N SER A 24 2.47 0.02 -7.96
CA SER A 24 3.59 0.83 -7.48
C SER A 24 3.09 2.08 -6.77
N CYS A 25 1.99 2.63 -7.27
CA CYS A 25 1.41 3.84 -6.69
C CYS A 25 1.13 3.64 -5.20
N LEU A 26 0.37 2.61 -4.87
CA LEU A 26 0.03 2.31 -3.50
C LEU A 26 1.28 2.05 -2.66
N SER A 27 2.09 1.09 -3.10
CA SER A 27 3.31 0.74 -2.39
C SER A 27 4.17 1.98 -2.15
N LYS A 28 4.56 2.65 -3.23
CA LYS A 28 5.37 3.85 -3.14
C LYS A 28 4.73 4.88 -2.21
N HIS A 29 3.46 4.66 -1.90
CA HIS A 29 2.73 5.56 -1.01
C HIS A 29 2.75 5.05 0.43
N GLN A 30 2.66 3.74 0.59
CA GLN A 30 2.67 3.13 1.91
C GLN A 30 3.95 3.48 2.66
N ARG A 31 5.02 3.73 1.92
CA ARG A 31 6.30 4.08 2.52
C ARG A 31 6.19 5.35 3.36
N ILE A 32 5.14 6.12 3.11
CA ILE A 32 4.91 7.35 3.84
C ILE A 32 4.55 7.07 5.30
N HIS A 33 3.86 5.96 5.53
CA HIS A 33 3.46 5.58 6.88
C HIS A 33 4.56 4.77 7.56
N SER A 34 5.14 3.84 6.81
CA SER A 34 6.21 2.99 7.35
C SER A 34 7.14 3.79 8.25
N GLY A 35 7.78 4.82 7.68
CA GLY A 35 8.69 5.64 8.45
C GLY A 35 9.57 6.50 7.58
N GLU A 36 9.23 7.79 7.49
CA GLU A 36 10.00 8.72 6.67
C GLU A 36 11.19 9.27 7.45
N LYS A 37 12.14 9.85 6.72
CA LYS A 37 13.33 10.42 7.34
C LYS A 37 13.03 11.77 7.98
N PRO A 38 13.54 11.98 9.20
CA PRO A 38 13.33 13.23 9.93
C PRO A 38 14.09 14.40 9.32
N SER A 39 14.06 15.54 10.00
CA SER A 39 14.75 16.74 9.51
C SER A 39 16.26 16.54 9.56
N GLY A 40 17.00 17.53 9.03
CA GLY A 40 18.44 17.45 9.01
C GLY A 40 19.09 18.81 9.15
N PRO A 41 20.33 18.93 8.64
CA PRO A 41 21.09 20.19 8.70
C PRO A 41 20.49 21.27 7.80
N SER A 42 19.35 20.97 7.20
CA SER A 42 18.67 21.92 6.32
C SER A 42 18.51 23.27 6.99
N SER A 43 19.09 24.30 6.40
CA SER A 43 19.01 25.65 6.95
C SER A 43 17.87 26.43 6.29
N GLY A 44 17.45 27.51 6.95
CA GLY A 44 16.38 28.32 6.42
C GLY A 44 15.15 28.29 7.31
ZN ZN B . -1.66 5.37 3.22
N GLY A 1 -12.19 -25.40 -4.36
CA GLY A 1 -10.92 -26.05 -4.08
C GLY A 1 -9.74 -25.14 -4.29
N SER A 2 -9.15 -25.21 -5.48
CA SER A 2 -7.99 -24.38 -5.81
C SER A 2 -8.32 -23.41 -6.95
N SER A 3 -8.31 -22.12 -6.64
CA SER A 3 -8.60 -21.10 -7.63
C SER A 3 -7.65 -19.91 -7.49
N GLY A 4 -6.90 -19.63 -8.54
CA GLY A 4 -5.96 -18.52 -8.51
C GLY A 4 -6.65 -17.17 -8.65
N SER A 5 -6.10 -16.16 -8.00
CA SER A 5 -6.67 -14.82 -8.06
C SER A 5 -5.93 -13.95 -9.08
N SER A 6 -6.66 -13.04 -9.71
CA SER A 6 -6.07 -12.15 -10.71
C SER A 6 -5.82 -10.77 -10.12
N GLY A 7 -6.74 -10.31 -9.27
CA GLY A 7 -6.60 -9.01 -8.65
C GLY A 7 -7.79 -8.11 -8.92
N LYS A 8 -8.99 -8.64 -8.69
CA LYS A 8 -10.21 -7.87 -8.90
C LYS A 8 -10.32 -6.72 -7.91
N LYS A 9 -10.04 -7.01 -6.64
CA LYS A 9 -10.10 -5.99 -5.59
C LYS A 9 -9.06 -4.90 -5.83
N PRO A 10 -9.45 -3.64 -5.58
CA PRO A 10 -8.57 -2.49 -5.76
C PRO A 10 -7.45 -2.44 -4.73
N LEU A 11 -6.41 -1.68 -5.03
CA LEU A 11 -5.28 -1.56 -4.11
C LEU A 11 -5.41 -0.31 -3.24
N VAL A 12 -5.81 -0.52 -1.99
CA VAL A 12 -5.97 0.58 -1.05
C VAL A 12 -5.02 0.44 0.14
N CYS A 13 -4.59 1.58 0.68
CA CYS A 13 -3.67 1.58 1.82
C CYS A 13 -4.39 1.13 3.08
N ASN A 14 -4.06 -0.07 3.55
CA ASN A 14 -4.67 -0.62 4.76
C ASN A 14 -4.24 0.16 6.00
N GLU A 15 -3.36 1.14 5.79
CA GLU A 15 -2.87 1.96 6.88
C GLU A 15 -3.71 3.23 7.05
N CYS A 16 -4.07 3.84 5.93
CA CYS A 16 -4.88 5.05 5.93
C CYS A 16 -6.21 4.83 5.24
N GLY A 17 -6.19 4.04 4.17
CA GLY A 17 -7.41 3.76 3.42
C GLY A 17 -7.47 4.53 2.12
N LYS A 18 -6.34 4.63 1.42
CA LYS A 18 -6.28 5.34 0.16
C LYS A 18 -6.20 4.36 -1.01
N THR A 19 -7.18 4.42 -1.90
CA THR A 19 -7.22 3.55 -3.07
C THR A 19 -6.35 4.09 -4.20
N PHE A 20 -5.74 3.18 -4.95
CA PHE A 20 -4.88 3.57 -6.07
C PHE A 20 -5.21 2.77 -7.32
N ARG A 21 -4.65 3.19 -8.45
CA ARG A 21 -4.88 2.51 -9.72
C ARG A 21 -3.82 1.46 -9.99
N GLN A 22 -2.55 1.86 -9.84
CA GLN A 22 -1.44 0.95 -10.07
C GLN A 22 -0.90 0.41 -8.74
N SER A 23 -0.09 -0.65 -8.83
CA SER A 23 0.48 -1.27 -7.64
C SER A 23 1.60 -0.40 -7.07
N SER A 24 2.55 -0.02 -7.92
CA SER A 24 3.67 0.81 -7.49
C SER A 24 3.17 2.08 -6.79
N CYS A 25 2.04 2.59 -7.25
CA CYS A 25 1.46 3.79 -6.67
C CYS A 25 1.17 3.60 -5.19
N LEU A 26 0.28 2.67 -4.88
CA LEU A 26 -0.09 2.40 -3.50
C LEU A 26 1.15 2.11 -2.65
N SER A 27 1.98 1.19 -3.11
CA SER A 27 3.21 0.83 -2.40
C SER A 27 4.07 2.06 -2.14
N LYS A 28 4.46 2.73 -3.22
CA LYS A 28 5.29 3.92 -3.11
C LYS A 28 4.66 4.95 -2.19
N HIS A 29 3.37 4.75 -1.88
CA HIS A 29 2.65 5.65 -1.00
C HIS A 29 2.65 5.13 0.43
N GLN A 30 2.57 3.81 0.58
CA GLN A 30 2.56 3.19 1.89
C GLN A 30 3.81 3.55 2.68
N ARG A 31 4.93 3.68 1.98
CA ARG A 31 6.20 4.02 2.60
C ARG A 31 6.05 5.25 3.50
N ILE A 32 5.01 6.04 3.25
CA ILE A 32 4.74 7.24 4.03
C ILE A 32 4.36 6.88 5.47
N HIS A 33 3.68 5.75 5.63
CA HIS A 33 3.26 5.30 6.95
C HIS A 33 4.29 4.37 7.56
N SER A 34 4.69 3.35 6.80
CA SER A 34 5.67 2.37 7.27
C SER A 34 5.26 1.80 8.62
N GLY A 35 3.98 1.47 8.76
CA GLY A 35 3.48 0.91 10.00
C GLY A 35 3.83 -0.55 10.16
N GLU A 36 3.41 -1.37 9.21
CA GLU A 36 3.67 -2.80 9.25
C GLU A 36 4.14 -3.31 7.89
N LYS A 37 5.09 -4.25 7.91
CA LYS A 37 5.62 -4.82 6.67
C LYS A 37 4.62 -5.79 6.05
N PRO A 38 4.42 -5.66 4.73
CA PRO A 38 3.49 -6.52 3.99
C PRO A 38 4.01 -7.95 3.86
N SER A 39 5.07 -8.26 4.60
CA SER A 39 5.67 -9.59 4.57
C SER A 39 4.88 -10.55 5.46
N GLY A 40 4.67 -11.76 4.95
CA GLY A 40 3.93 -12.76 5.71
C GLY A 40 4.80 -13.48 6.73
N PRO A 41 4.39 -14.69 7.13
CA PRO A 41 5.12 -15.49 8.10
C PRO A 41 6.45 -16.01 7.55
N SER A 42 7.55 -15.44 8.01
CA SER A 42 8.87 -15.83 7.55
C SER A 42 9.95 -15.37 8.54
N SER A 43 11.12 -16.01 8.47
CA SER A 43 12.23 -15.66 9.35
C SER A 43 13.47 -15.32 8.55
N GLY A 44 13.96 -14.10 8.71
CA GLY A 44 15.14 -13.66 8.00
C GLY A 44 15.60 -12.28 8.41
ZN ZN B . -1.63 5.40 3.20
N GLY A 1 -8.12 -20.06 -12.25
CA GLY A 1 -7.78 -20.33 -13.64
C GLY A 1 -6.79 -19.34 -14.19
N SER A 2 -5.64 -19.20 -13.53
CA SER A 2 -4.61 -18.26 -13.97
C SER A 2 -3.24 -18.67 -13.44
N SER A 3 -2.19 -18.34 -14.20
CA SER A 3 -0.84 -18.68 -13.81
C SER A 3 -0.57 -18.31 -12.36
N GLY A 4 -0.67 -17.02 -12.05
CA GLY A 4 -0.43 -16.55 -10.70
C GLY A 4 -1.73 -16.25 -9.96
N SER A 5 -2.02 -14.95 -9.80
CA SER A 5 -3.22 -14.53 -9.10
C SER A 5 -3.83 -13.29 -9.77
N SER A 6 -5.16 -13.25 -9.82
CA SER A 6 -5.85 -12.12 -10.43
C SER A 6 -5.89 -10.92 -9.49
N GLY A 7 -6.11 -9.74 -10.06
CA GLY A 7 -6.15 -8.53 -9.26
C GLY A 7 -7.47 -7.79 -9.41
N LYS A 8 -8.57 -8.47 -9.08
CA LYS A 8 -9.89 -7.87 -9.18
C LYS A 8 -10.09 -6.81 -8.10
N LYS A 9 -9.72 -7.14 -6.87
CA LYS A 9 -9.86 -6.22 -5.75
C LYS A 9 -8.94 -5.01 -5.93
N PRO A 10 -9.43 -3.83 -5.53
CA PRO A 10 -8.68 -2.58 -5.64
C PRO A 10 -7.50 -2.53 -4.67
N LEU A 11 -6.63 -1.53 -4.84
CA LEU A 11 -5.47 -1.37 -3.98
C LEU A 11 -5.64 -0.17 -3.06
N VAL A 12 -5.97 -0.44 -1.80
CA VAL A 12 -6.16 0.62 -0.81
C VAL A 12 -5.16 0.48 0.34
N CYS A 13 -4.66 1.61 0.82
CA CYS A 13 -3.71 1.62 1.92
C CYS A 13 -4.38 1.23 3.23
N ASN A 14 -4.02 0.08 3.76
CA ASN A 14 -4.59 -0.41 5.01
C ASN A 14 -4.16 0.47 6.18
N GLU A 15 -3.31 1.45 5.90
CA GLU A 15 -2.82 2.36 6.93
C GLU A 15 -3.72 3.59 7.04
N CYS A 16 -4.11 4.14 5.89
CA CYS A 16 -4.96 5.31 5.86
C CYS A 16 -6.30 5.00 5.19
N GLY A 17 -6.24 4.15 4.15
CA GLY A 17 -7.45 3.79 3.43
C GLY A 17 -7.59 4.54 2.12
N LYS A 18 -6.49 4.67 1.40
CA LYS A 18 -6.50 5.36 0.12
C LYS A 18 -6.38 4.38 -1.04
N THR A 19 -7.40 4.34 -1.89
CA THR A 19 -7.41 3.44 -3.04
C THR A 19 -6.54 3.98 -4.16
N PHE A 20 -5.93 3.07 -4.93
CA PHE A 20 -5.07 3.46 -6.03
C PHE A 20 -5.41 2.66 -7.30
N ARG A 21 -4.83 3.06 -8.42
CA ARG A 21 -5.07 2.38 -9.69
C ARG A 21 -4.08 1.25 -9.90
N GLN A 22 -2.80 1.54 -9.65
CA GLN A 22 -1.75 0.54 -9.81
C GLN A 22 -1.15 0.15 -8.47
N SER A 23 -0.32 -0.88 -8.47
CA SER A 23 0.31 -1.35 -7.24
C SER A 23 1.49 -0.46 -6.86
N SER A 24 2.34 -0.18 -7.85
CA SER A 24 3.52 0.66 -7.63
C SER A 24 3.14 1.96 -6.92
N CYS A 25 2.01 2.54 -7.33
CA CYS A 25 1.53 3.78 -6.74
C CYS A 25 1.24 3.60 -5.26
N LEU A 26 0.27 2.74 -4.95
CA LEU A 26 -0.11 2.48 -3.57
C LEU A 26 1.11 2.14 -2.72
N SER A 27 1.89 1.18 -3.18
CA SER A 27 3.10 0.76 -2.46
C SER A 27 4.02 1.95 -2.22
N LYS A 28 4.38 2.63 -3.31
CA LYS A 28 5.27 3.79 -3.23
C LYS A 28 4.71 4.83 -2.27
N HIS A 29 3.45 4.67 -1.89
CA HIS A 29 2.79 5.60 -0.97
C HIS A 29 2.83 5.08 0.46
N GLN A 30 2.67 3.77 0.61
CA GLN A 30 2.70 3.14 1.93
C GLN A 30 3.97 3.51 2.68
N ARG A 31 5.07 3.65 1.94
CA ARG A 31 6.35 3.99 2.54
C ARG A 31 6.21 5.19 3.48
N ILE A 32 5.20 6.01 3.23
CA ILE A 32 4.95 7.19 4.05
C ILE A 32 4.61 6.79 5.48
N HIS A 33 3.91 5.69 5.63
CA HIS A 33 3.52 5.19 6.96
C HIS A 33 4.61 4.32 7.55
N SER A 34 5.36 3.65 6.68
CA SER A 34 6.44 2.76 7.13
C SER A 34 7.16 3.35 8.34
N GLY A 35 7.39 4.66 8.31
CA GLY A 35 8.07 5.32 9.41
C GLY A 35 8.84 6.54 8.98
N GLU A 36 8.24 7.33 8.08
CA GLU A 36 8.88 8.54 7.57
C GLU A 36 8.67 9.71 8.53
N LYS A 37 8.30 9.39 9.77
CA LYS A 37 8.06 10.41 10.78
C LYS A 37 9.30 10.64 11.63
N PRO A 38 9.61 11.92 11.91
CA PRO A 38 10.77 12.29 12.72
C PRO A 38 10.61 11.90 14.18
N SER A 39 11.11 10.72 14.53
CA SER A 39 11.01 10.23 15.90
C SER A 39 11.68 11.20 16.88
N GLY A 40 12.91 11.59 16.55
CA GLY A 40 13.64 12.51 17.41
C GLY A 40 15.13 12.27 17.39
N PRO A 41 15.91 13.32 17.65
CA PRO A 41 17.38 13.25 17.67
C PRO A 41 17.91 12.43 18.84
N SER A 42 19.11 11.89 18.68
CA SER A 42 19.72 11.09 19.74
C SER A 42 21.20 11.44 19.90
N SER A 43 21.57 11.86 21.10
CA SER A 43 22.94 12.24 21.40
C SER A 43 23.89 11.07 21.13
N GLY A 44 23.59 9.93 21.72
CA GLY A 44 24.42 8.76 21.55
C GLY A 44 23.86 7.81 20.51
ZN ZN B . -1.59 5.41 3.32
N GLY A 1 -7.25 -26.98 -9.64
CA GLY A 1 -6.85 -25.60 -9.43
C GLY A 1 -7.98 -24.62 -9.69
N SER A 2 -8.78 -24.37 -8.66
CA SER A 2 -9.91 -23.46 -8.78
C SER A 2 -9.48 -22.03 -8.46
N SER A 3 -10.41 -21.09 -8.63
CA SER A 3 -10.12 -19.68 -8.37
C SER A 3 -11.26 -19.03 -7.59
N GLY A 4 -10.91 -18.32 -6.52
CA GLY A 4 -11.92 -17.66 -5.71
C GLY A 4 -12.71 -16.63 -6.49
N SER A 5 -12.08 -15.49 -6.77
CA SER A 5 -12.74 -14.42 -7.50
C SER A 5 -12.18 -14.32 -8.92
N SER A 6 -13.03 -13.92 -9.86
CA SER A 6 -12.63 -13.78 -11.25
C SER A 6 -11.79 -12.52 -11.45
N GLY A 7 -12.25 -11.41 -10.90
CA GLY A 7 -11.52 -10.16 -11.03
C GLY A 7 -10.37 -10.05 -10.05
N LYS A 8 -10.08 -8.84 -9.61
CA LYS A 8 -8.99 -8.60 -8.67
C LYS A 8 -9.31 -7.42 -7.75
N LYS A 9 -9.07 -7.60 -6.46
CA LYS A 9 -9.32 -6.55 -5.49
C LYS A 9 -8.38 -5.37 -5.70
N PRO A 10 -8.90 -4.16 -5.46
CA PRO A 10 -8.12 -2.92 -5.63
C PRO A 10 -7.04 -2.78 -4.55
N LEU A 11 -6.09 -1.88 -4.80
CA LEU A 11 -5.00 -1.64 -3.85
C LEU A 11 -5.28 -0.41 -2.99
N VAL A 12 -5.65 -0.65 -1.74
CA VAL A 12 -5.95 0.43 -0.82
C VAL A 12 -5.09 0.33 0.44
N CYS A 13 -4.42 1.43 0.78
CA CYS A 13 -3.57 1.46 1.96
C CYS A 13 -4.35 1.10 3.21
N ASN A 14 -4.00 -0.03 3.82
CA ASN A 14 -4.67 -0.49 5.04
C ASN A 14 -4.31 0.38 6.23
N GLU A 15 -3.48 1.39 5.98
CA GLU A 15 -3.05 2.31 7.03
C GLU A 15 -3.95 3.53 7.09
N CYS A 16 -4.24 4.09 5.92
CA CYS A 16 -5.08 5.28 5.82
C CYS A 16 -6.41 4.95 5.13
N GLY A 17 -6.34 4.10 4.12
CA GLY A 17 -7.53 3.71 3.39
C GLY A 17 -7.65 4.43 2.05
N LYS A 18 -6.53 4.54 1.34
CA LYS A 18 -6.51 5.20 0.05
C LYS A 18 -6.29 4.18 -1.08
N THR A 19 -7.25 4.10 -1.99
CA THR A 19 -7.16 3.18 -3.12
C THR A 19 -6.27 3.72 -4.21
N PHE A 20 -5.71 2.83 -5.02
CA PHE A 20 -4.83 3.22 -6.11
C PHE A 20 -4.96 2.28 -7.30
N ARG A 21 -4.77 2.81 -8.50
CA ARG A 21 -4.87 2.00 -9.71
C ARG A 21 -3.49 1.61 -10.21
N GLN A 22 -2.47 1.87 -9.41
CA GLN A 22 -1.10 1.54 -9.77
C GLN A 22 -0.35 0.94 -8.59
N SER A 23 0.08 -0.31 -8.74
CA SER A 23 0.81 -0.99 -7.67
C SER A 23 1.97 -0.15 -7.17
N SER A 24 2.51 0.68 -8.05
CA SER A 24 3.63 1.55 -7.70
C SER A 24 3.17 2.68 -6.77
N CYS A 25 2.01 3.25 -7.09
CA CYS A 25 1.46 4.34 -6.29
C CYS A 25 1.31 3.93 -4.83
N LEU A 26 0.43 2.97 -4.58
CA LEU A 26 0.19 2.49 -3.22
C LEU A 26 1.51 2.24 -2.50
N SER A 27 2.30 1.30 -3.02
CA SER A 27 3.59 0.96 -2.42
C SER A 27 4.42 2.21 -2.18
N LYS A 28 4.70 2.95 -3.25
CA LYS A 28 5.48 4.18 -3.14
C LYS A 28 4.82 5.18 -2.20
N HIS A 29 3.58 4.89 -1.83
CA HIS A 29 2.83 5.76 -0.91
C HIS A 29 2.93 5.26 0.53
N GLN A 30 2.90 3.94 0.68
CA GLN A 30 2.98 3.34 2.02
C GLN A 30 4.22 3.83 2.76
N ARG A 31 5.29 4.06 2.01
CA ARG A 31 6.55 4.53 2.60
C ARG A 31 6.31 5.72 3.52
N ILE A 32 5.20 6.42 3.28
CA ILE A 32 4.85 7.59 4.08
C ILE A 32 4.51 7.20 5.51
N HIS A 33 3.89 6.03 5.66
CA HIS A 33 3.50 5.53 6.98
C HIS A 33 4.63 4.70 7.59
N SER A 34 5.21 3.82 6.80
CA SER A 34 6.29 2.96 7.26
C SER A 34 7.14 2.46 6.08
N GLY A 35 8.31 3.06 5.91
CA GLY A 35 9.19 2.67 4.82
C GLY A 35 9.79 1.29 5.04
N GLU A 36 11.04 1.13 4.65
CA GLU A 36 11.73 -0.15 4.80
C GLU A 36 12.25 -0.33 6.22
N LYS A 37 12.24 -1.57 6.70
CA LYS A 37 12.70 -1.88 8.05
C LYS A 37 14.00 -2.68 8.01
N PRO A 38 14.98 -2.26 8.80
CA PRO A 38 16.29 -2.92 8.87
C PRO A 38 16.20 -4.30 9.55
N SER A 39 16.01 -5.33 8.74
CA SER A 39 15.91 -6.69 9.24
C SER A 39 17.28 -7.30 9.47
N GLY A 40 17.34 -8.36 10.26
CA GLY A 40 18.61 -9.02 10.54
C GLY A 40 18.56 -9.86 11.80
N PRO A 41 19.45 -10.87 11.88
CA PRO A 41 19.52 -11.77 13.03
C PRO A 41 20.04 -11.08 14.29
N SER A 42 19.24 -11.13 15.35
CA SER A 42 19.62 -10.50 16.61
C SER A 42 20.35 -11.50 17.51
N SER A 43 19.78 -12.68 17.66
CA SER A 43 20.38 -13.72 18.49
C SER A 43 19.94 -15.11 18.04
N GLY A 44 20.66 -16.13 18.48
CA GLY A 44 20.34 -17.49 18.11
C GLY A 44 21.07 -18.52 18.94
ZN ZN B . -1.60 5.32 3.41
N GLY A 1 -0.32 -16.60 -10.57
CA GLY A 1 -1.09 -15.93 -9.54
C GLY A 1 -0.61 -16.29 -8.15
N SER A 2 0.47 -15.66 -7.71
CA SER A 2 1.03 -15.92 -6.39
C SER A 2 0.16 -15.30 -5.30
N SER A 3 0.21 -15.88 -4.11
CA SER A 3 -0.58 -15.39 -2.99
C SER A 3 -0.08 -14.02 -2.53
N GLY A 4 -0.98 -13.22 -1.96
CA GLY A 4 -0.61 -11.90 -1.48
C GLY A 4 -1.44 -10.81 -2.12
N SER A 5 -1.57 -10.86 -3.44
CA SER A 5 -2.34 -9.85 -4.17
C SER A 5 -3.65 -10.45 -4.69
N SER A 6 -4.73 -9.69 -4.56
CA SER A 6 -6.04 -10.14 -5.01
C SER A 6 -6.18 -9.99 -6.52
N GLY A 7 -5.95 -8.78 -7.01
CA GLY A 7 -6.05 -8.52 -8.43
C GLY A 7 -7.42 -7.97 -8.83
N LYS A 8 -8.46 -8.68 -8.42
CA LYS A 8 -9.83 -8.26 -8.74
C LYS A 8 -10.19 -6.97 -8.03
N LYS A 9 -9.97 -6.93 -6.72
CA LYS A 9 -10.25 -5.74 -5.92
C LYS A 9 -9.18 -4.67 -6.12
N PRO A 10 -9.54 -3.42 -5.84
CA PRO A 10 -8.61 -2.28 -5.99
C PRO A 10 -7.50 -2.31 -4.93
N LEU A 11 -6.44 -1.56 -5.20
CA LEU A 11 -5.31 -1.49 -4.27
C LEU A 11 -5.41 -0.27 -3.36
N VAL A 12 -5.84 -0.50 -2.12
CA VAL A 12 -5.99 0.57 -1.15
C VAL A 12 -5.07 0.36 0.05
N CYS A 13 -4.62 1.46 0.64
CA CYS A 13 -3.74 1.39 1.81
C CYS A 13 -4.53 1.04 3.07
N ASN A 14 -4.20 -0.08 3.69
CA ASN A 14 -4.87 -0.52 4.90
C ASN A 14 -4.48 0.35 6.09
N GLU A 15 -3.43 1.14 5.91
CA GLU A 15 -2.95 2.03 6.97
C GLU A 15 -3.86 3.25 7.10
N CYS A 16 -4.20 3.86 5.97
CA CYS A 16 -5.06 5.04 5.97
C CYS A 16 -6.35 4.76 5.20
N GLY A 17 -6.25 4.00 4.12
CA GLY A 17 -7.42 3.67 3.32
C GLY A 17 -7.45 4.43 2.01
N LYS A 18 -6.28 4.64 1.42
CA LYS A 18 -6.19 5.35 0.15
C LYS A 18 -6.11 4.37 -1.03
N THR A 19 -7.08 4.47 -1.93
CA THR A 19 -7.13 3.60 -3.10
C THR A 19 -6.15 4.06 -4.17
N PHE A 20 -5.79 3.15 -5.06
CA PHE A 20 -4.86 3.47 -6.14
C PHE A 20 -5.10 2.58 -7.35
N ARG A 21 -4.71 3.05 -8.52
CA ARG A 21 -4.88 2.30 -9.77
C ARG A 21 -3.67 1.42 -10.04
N GLN A 22 -2.49 2.02 -10.00
CA GLN A 22 -1.25 1.29 -10.24
C GLN A 22 -0.74 0.63 -8.96
N SER A 23 -0.03 -0.48 -9.12
CA SER A 23 0.51 -1.21 -7.98
C SER A 23 1.58 -0.38 -7.26
N SER A 24 2.35 0.37 -8.04
CA SER A 24 3.40 1.21 -7.49
C SER A 24 2.82 2.38 -6.71
N CYS A 25 1.62 2.80 -7.08
CA CYS A 25 0.95 3.91 -6.43
C CYS A 25 0.71 3.61 -4.96
N LEU A 26 0.13 2.45 -4.68
CA LEU A 26 -0.15 2.04 -3.30
C LEU A 26 1.15 1.78 -2.55
N SER A 27 1.95 0.84 -3.05
CA SER A 27 3.21 0.50 -2.41
C SER A 27 4.07 1.75 -2.19
N LYS A 28 4.35 2.45 -3.28
CA LYS A 28 5.16 3.67 -3.21
C LYS A 28 4.53 4.69 -2.27
N HIS A 29 3.29 4.44 -1.86
CA HIS A 29 2.58 5.33 -0.96
C HIS A 29 2.69 4.84 0.48
N GLN A 30 2.65 3.53 0.66
CA GLN A 30 2.74 2.93 1.99
C GLN A 30 3.99 3.42 2.72
N ARG A 31 5.06 3.64 1.97
CA ARG A 31 6.32 4.11 2.55
C ARG A 31 6.09 5.33 3.43
N ILE A 32 4.98 6.03 3.18
CA ILE A 32 4.64 7.22 3.95
C ILE A 32 4.33 6.86 5.40
N HIS A 33 3.74 5.69 5.61
CA HIS A 33 3.39 5.23 6.95
C HIS A 33 4.53 4.42 7.55
N SER A 34 5.09 3.51 6.75
CA SER A 34 6.19 2.67 7.21
C SER A 34 7.41 3.51 7.57
N GLY A 35 8.37 2.88 8.24
CA GLY A 35 9.58 3.58 8.63
C GLY A 35 10.05 4.57 7.58
N GLU A 36 10.78 5.58 8.02
CA GLU A 36 11.29 6.61 7.11
C GLU A 36 12.56 6.13 6.41
N LYS A 37 12.79 4.82 6.44
CA LYS A 37 13.97 4.23 5.80
C LYS A 37 13.98 4.50 4.31
N PRO A 38 15.17 4.82 3.77
CA PRO A 38 15.35 5.10 2.34
C PRO A 38 15.17 3.87 1.48
N SER A 39 15.21 4.05 0.16
CA SER A 39 15.05 2.95 -0.78
C SER A 39 15.84 3.20 -2.06
N GLY A 40 16.03 2.15 -2.84
CA GLY A 40 16.77 2.28 -4.09
C GLY A 40 16.02 3.10 -5.12
N PRO A 41 16.22 2.77 -6.40
CA PRO A 41 15.56 3.48 -7.51
C PRO A 41 14.07 3.20 -7.56
N SER A 42 13.57 2.45 -6.59
CA SER A 42 12.16 2.11 -6.54
C SER A 42 11.30 3.26 -7.04
N SER A 43 11.64 4.48 -6.61
CA SER A 43 10.90 5.67 -7.03
C SER A 43 11.37 6.16 -8.39
N GLY A 44 12.67 6.39 -8.52
CA GLY A 44 13.23 6.86 -9.78
C GLY A 44 12.95 8.33 -10.03
ZN ZN B . -1.73 5.11 3.45
N GLY A 1 -3.58 -21.12 -13.63
CA GLY A 1 -2.21 -20.73 -13.41
C GLY A 1 -2.09 -19.49 -12.53
N SER A 2 -2.93 -18.50 -12.81
CA SER A 2 -2.90 -17.26 -12.04
C SER A 2 -4.16 -17.13 -11.18
N SER A 3 -4.11 -16.25 -10.19
CA SER A 3 -5.23 -16.03 -9.29
C SER A 3 -5.56 -14.55 -9.17
N GLY A 4 -6.80 -14.20 -9.45
CA GLY A 4 -7.22 -12.81 -9.36
C GLY A 4 -6.28 -11.87 -10.10
N SER A 5 -5.90 -12.24 -11.32
CA SER A 5 -5.00 -11.43 -12.12
C SER A 5 -5.71 -10.21 -12.69
N SER A 6 -6.89 -10.45 -13.27
CA SER A 6 -7.67 -9.38 -13.87
C SER A 6 -7.81 -8.20 -12.91
N GLY A 7 -8.20 -8.50 -11.67
CA GLY A 7 -8.36 -7.45 -10.67
C GLY A 7 -9.53 -7.70 -9.75
N LYS A 8 -9.37 -8.67 -8.85
CA LYS A 8 -10.42 -9.01 -7.90
C LYS A 8 -10.64 -7.88 -6.89
N LYS A 9 -9.58 -7.54 -6.16
CA LYS A 9 -9.64 -6.48 -5.17
C LYS A 9 -8.68 -5.35 -5.51
N PRO A 10 -9.14 -4.11 -5.30
CA PRO A 10 -8.33 -2.91 -5.58
C PRO A 10 -7.17 -2.75 -4.61
N LEU A 11 -6.25 -1.84 -4.94
CA LEU A 11 -5.10 -1.59 -4.08
C LEU A 11 -5.33 -0.38 -3.17
N VAL A 12 -5.65 -0.66 -1.91
CA VAL A 12 -5.89 0.40 -0.95
C VAL A 12 -4.93 0.32 0.23
N CYS A 13 -4.47 1.46 0.71
CA CYS A 13 -3.55 1.52 1.83
C CYS A 13 -4.24 1.09 3.13
N ASN A 14 -3.73 0.02 3.73
CA ASN A 14 -4.30 -0.49 4.98
C ASN A 14 -3.98 0.45 6.14
N GLU A 15 -3.10 1.41 5.90
CA GLU A 15 -2.72 2.37 6.93
C GLU A 15 -3.73 3.51 7.01
N CYS A 16 -4.11 4.03 5.86
CA CYS A 16 -5.07 5.13 5.82
C CYS A 16 -6.37 4.69 5.13
N GLY A 17 -6.24 3.86 4.10
CA GLY A 17 -7.40 3.38 3.37
C GLY A 17 -7.62 4.12 2.07
N LYS A 18 -6.54 4.38 1.35
CA LYS A 18 -6.62 5.09 0.07
C LYS A 18 -6.39 4.13 -1.10
N THR A 19 -7.38 4.04 -1.97
CA THR A 19 -7.30 3.16 -3.13
C THR A 19 -6.36 3.74 -4.18
N PHE A 20 -5.80 2.86 -5.02
CA PHE A 20 -4.88 3.28 -6.07
C PHE A 20 -5.17 2.53 -7.37
N ARG A 21 -4.55 2.99 -8.45
CA ARG A 21 -4.75 2.36 -9.75
C ARG A 21 -3.70 1.28 -10.00
N GLN A 22 -2.44 1.61 -9.74
CA GLN A 22 -1.35 0.66 -9.93
C GLN A 22 -0.75 0.25 -8.58
N SER A 23 0.12 -0.76 -8.62
CA SER A 23 0.75 -1.25 -7.40
C SER A 23 1.85 -0.30 -6.93
N SER A 24 2.66 0.17 -7.86
CA SER A 24 3.74 1.10 -7.54
C SER A 24 3.21 2.32 -6.79
N CYS A 25 2.09 2.86 -7.27
CA CYS A 25 1.49 4.03 -6.65
C CYS A 25 1.21 3.78 -5.17
N LEU A 26 0.36 2.81 -4.88
CA LEU A 26 0.01 2.48 -3.50
C LEU A 26 1.26 2.26 -2.66
N SER A 27 2.05 1.25 -3.03
CA SER A 27 3.28 0.94 -2.31
C SER A 27 4.12 2.20 -2.10
N LYS A 28 4.46 2.86 -3.20
CA LYS A 28 5.26 4.07 -3.14
C LYS A 28 4.65 5.09 -2.19
N HIS A 29 3.38 4.88 -1.85
CA HIS A 29 2.67 5.77 -0.94
C HIS A 29 2.69 5.23 0.48
N GLN A 30 2.61 3.90 0.61
CA GLN A 30 2.62 3.26 1.91
C GLN A 30 3.89 3.62 2.69
N ARG A 31 4.95 3.91 1.96
CA ARG A 31 6.23 4.27 2.59
C ARG A 31 6.07 5.51 3.46
N ILE A 32 5.01 6.27 3.22
CA ILE A 32 4.74 7.48 3.99
C ILE A 32 4.39 7.16 5.44
N HIS A 33 3.73 6.01 5.64
CA HIS A 33 3.33 5.59 6.97
C HIS A 33 4.45 4.77 7.63
N SER A 34 4.90 3.73 6.94
CA SER A 34 5.97 2.88 7.45
C SER A 34 7.26 3.68 7.65
N GLY A 35 8.02 3.30 8.68
CA GLY A 35 9.27 3.98 8.96
C GLY A 35 10.47 3.23 8.42
N GLU A 36 10.67 3.27 7.11
CA GLU A 36 11.78 2.59 6.48
C GLU A 36 12.81 3.59 5.97
N LYS A 37 13.92 3.08 5.45
CA LYS A 37 14.99 3.92 4.92
C LYS A 37 14.58 4.57 3.61
N PRO A 38 14.97 5.84 3.41
CA PRO A 38 14.66 6.60 2.20
C PRO A 38 15.41 6.07 0.99
N SER A 39 14.71 5.33 0.13
CA SER A 39 15.31 4.77 -1.07
C SER A 39 14.27 4.58 -2.17
N GLY A 40 14.50 5.22 -3.32
CA GLY A 40 13.58 5.12 -4.43
C GLY A 40 13.36 6.45 -5.12
N PRO A 41 12.85 6.39 -6.37
CA PRO A 41 12.58 7.59 -7.16
C PRO A 41 11.42 8.40 -6.62
N SER A 42 10.89 7.97 -5.48
CA SER A 42 9.76 8.66 -4.85
C SER A 42 10.22 9.92 -4.13
N SER A 43 11.48 10.29 -4.35
CA SER A 43 12.05 11.47 -3.72
C SER A 43 11.38 12.74 -4.24
N GLY A 44 10.81 13.53 -3.33
CA GLY A 44 10.14 14.75 -3.71
C GLY A 44 8.79 14.93 -3.04
ZN ZN B . -1.73 5.45 3.28
N GLY A 1 -10.92 -21.73 -3.76
CA GLY A 1 -11.09 -20.38 -3.25
C GLY A 1 -9.98 -19.44 -3.67
N SER A 2 -9.70 -19.40 -4.97
CA SER A 2 -8.65 -18.54 -5.50
C SER A 2 -9.24 -17.43 -6.36
N SER A 3 -8.63 -16.25 -6.29
CA SER A 3 -9.10 -15.11 -7.06
C SER A 3 -8.48 -15.09 -8.46
N GLY A 4 -9.32 -14.97 -9.47
CA GLY A 4 -8.85 -14.95 -10.84
C GLY A 4 -9.95 -14.64 -11.84
N SER A 5 -10.83 -15.60 -12.06
CA SER A 5 -11.94 -15.43 -13.00
C SER A 5 -12.89 -14.35 -12.52
N SER A 6 -13.25 -14.41 -11.24
CA SER A 6 -14.17 -13.44 -10.64
C SER A 6 -13.62 -12.02 -10.78
N GLY A 7 -12.34 -11.86 -10.47
CA GLY A 7 -11.72 -10.56 -10.56
C GLY A 7 -10.63 -10.36 -9.54
N LYS A 8 -10.30 -9.10 -9.25
CA LYS A 8 -9.26 -8.78 -8.28
C LYS A 8 -9.59 -7.49 -7.54
N LYS A 9 -9.30 -7.46 -6.24
CA LYS A 9 -9.56 -6.28 -5.43
C LYS A 9 -8.53 -5.19 -5.71
N PRO A 10 -8.96 -3.92 -5.55
CA PRO A 10 -8.09 -2.76 -5.78
C PRO A 10 -7.00 -2.64 -4.72
N LEU A 11 -6.02 -1.77 -4.98
CA LEU A 11 -4.91 -1.56 -4.05
C LEU A 11 -5.18 -0.36 -3.15
N VAL A 12 -5.59 -0.63 -1.92
CA VAL A 12 -5.87 0.43 -0.96
C VAL A 12 -5.00 0.29 0.29
N CYS A 13 -4.47 1.41 0.76
CA CYS A 13 -3.62 1.42 1.95
C CYS A 13 -4.42 1.01 3.19
N ASN A 14 -4.02 -0.09 3.80
CA ASN A 14 -4.69 -0.59 5.00
C ASN A 14 -4.40 0.31 6.19
N GLU A 15 -3.44 1.21 6.03
CA GLU A 15 -3.06 2.12 7.10
C GLU A 15 -4.01 3.32 7.15
N CYS A 16 -4.30 3.89 5.98
CA CYS A 16 -5.20 5.03 5.90
C CYS A 16 -6.46 4.68 5.13
N GLY A 17 -6.30 3.87 4.08
CA GLY A 17 -7.44 3.47 3.28
C GLY A 17 -7.52 4.23 1.97
N LYS A 18 -6.37 4.42 1.33
CA LYS A 18 -6.31 5.14 0.07
C LYS A 18 -6.10 4.17 -1.09
N THR A 19 -7.05 4.15 -2.02
CA THR A 19 -6.97 3.27 -3.18
C THR A 19 -5.98 3.81 -4.22
N PHE A 20 -5.49 2.92 -5.08
CA PHE A 20 -4.53 3.30 -6.11
C PHE A 20 -4.77 2.50 -7.39
N ARG A 21 -4.73 3.19 -8.53
CA ARG A 21 -4.94 2.54 -9.82
C ARG A 21 -3.72 1.70 -10.20
N GLN A 22 -2.53 2.17 -9.84
CA GLN A 22 -1.30 1.47 -10.15
C GLN A 22 -0.79 0.70 -8.93
N SER A 23 0.26 -0.08 -9.13
CA SER A 23 0.84 -0.88 -8.05
C SER A 23 1.97 -0.11 -7.36
N SER A 24 2.80 0.55 -8.16
CA SER A 24 3.92 1.32 -7.63
C SER A 24 3.43 2.49 -6.79
N CYS A 25 2.30 3.06 -7.20
CA CYS A 25 1.72 4.19 -6.48
C CYS A 25 1.50 3.86 -5.01
N LEU A 26 0.60 2.92 -4.75
CA LEU A 26 0.30 2.51 -3.39
C LEU A 26 1.58 2.29 -2.59
N SER A 27 2.44 1.42 -3.09
CA SER A 27 3.71 1.13 -2.42
C SER A 27 4.48 2.40 -2.12
N LYS A 28 4.72 3.19 -3.16
CA LYS A 28 5.46 4.44 -3.03
C LYS A 28 4.74 5.39 -2.06
N HIS A 29 3.51 5.04 -1.71
CA HIS A 29 2.72 5.85 -0.78
C HIS A 29 2.82 5.31 0.63
N GLN A 30 2.86 3.98 0.76
CA GLN A 30 2.95 3.35 2.07
C GLN A 30 4.15 3.87 2.85
N ARG A 31 5.23 4.14 2.14
CA ARG A 31 6.45 4.64 2.75
C ARG A 31 6.15 5.82 3.68
N ILE A 32 5.02 6.48 3.43
CA ILE A 32 4.62 7.62 4.24
C ILE A 32 4.30 7.20 5.67
N HIS A 33 3.75 6.00 5.82
CA HIS A 33 3.41 5.47 7.13
C HIS A 33 4.57 4.69 7.72
N SER A 34 5.22 3.88 6.90
CA SER A 34 6.34 3.07 7.34
C SER A 34 7.28 3.88 8.23
N GLY A 35 7.57 5.10 7.80
CA GLY A 35 8.46 5.96 8.56
C GLY A 35 7.79 6.53 9.80
N GLU A 36 7.69 5.71 10.84
CA GLU A 36 7.07 6.14 12.09
C GLU A 36 8.11 6.30 13.19
N LYS A 37 7.66 6.76 14.36
CA LYS A 37 8.56 6.96 15.49
C LYS A 37 8.87 5.64 16.18
N PRO A 38 10.05 5.57 16.82
CA PRO A 38 10.50 4.36 17.52
C PRO A 38 9.68 4.11 18.79
N SER A 39 10.09 3.10 19.56
CA SER A 39 9.40 2.75 20.79
C SER A 39 7.95 2.42 20.52
N GLY A 40 7.70 1.68 19.44
CA GLY A 40 6.34 1.32 19.09
C GLY A 40 5.98 -0.08 19.56
N PRO A 41 4.94 -0.67 18.94
CA PRO A 41 4.48 -2.02 19.30
C PRO A 41 5.47 -3.10 18.88
N SER A 42 5.60 -4.12 19.72
CA SER A 42 6.51 -5.23 19.44
C SER A 42 5.77 -6.57 19.41
N SER A 43 6.35 -7.54 18.73
CA SER A 43 5.74 -8.86 18.63
C SER A 43 6.07 -9.71 19.84
N GLY A 44 5.36 -10.82 20.00
CA GLY A 44 5.59 -11.71 21.12
C GLY A 44 4.31 -12.13 21.82
ZN ZN B . -1.71 5.24 3.51
N GLY A 1 -17.32 -15.27 7.96
CA GLY A 1 -17.09 -16.00 6.73
C GLY A 1 -15.75 -15.65 6.10
N SER A 2 -14.99 -16.68 5.73
CA SER A 2 -13.69 -16.47 5.11
C SER A 2 -13.79 -16.55 3.59
N SER A 3 -13.22 -15.55 2.92
CA SER A 3 -13.24 -15.50 1.46
C SER A 3 -11.83 -15.38 0.91
N GLY A 4 -11.66 -15.80 -0.34
CA GLY A 4 -10.35 -15.73 -0.98
C GLY A 4 -10.34 -14.81 -2.18
N SER A 5 -10.62 -13.53 -1.94
CA SER A 5 -10.63 -12.53 -3.01
C SER A 5 -9.32 -11.77 -3.07
N SER A 6 -8.51 -12.09 -4.08
CA SER A 6 -7.21 -11.43 -4.24
C SER A 6 -6.99 -11.04 -5.70
N GLY A 7 -6.75 -9.74 -5.92
CA GLY A 7 -6.52 -9.25 -7.27
C GLY A 7 -7.66 -8.38 -7.77
N LYS A 8 -8.78 -9.01 -8.09
CA LYS A 8 -9.95 -8.28 -8.59
C LYS A 8 -10.16 -6.99 -7.79
N LYS A 9 -9.94 -7.06 -6.49
CA LYS A 9 -10.10 -5.90 -5.62
C LYS A 9 -9.08 -4.82 -5.96
N PRO A 10 -9.47 -3.55 -5.73
CA PRO A 10 -8.61 -2.40 -6.01
C PRO A 10 -7.44 -2.32 -5.05
N LEU A 11 -6.50 -1.42 -5.35
CA LEU A 11 -5.32 -1.23 -4.51
C LEU A 11 -5.51 -0.07 -3.54
N VAL A 12 -5.81 -0.38 -2.29
CA VAL A 12 -6.02 0.64 -1.26
C VAL A 12 -5.07 0.44 -0.09
N CYS A 13 -4.64 1.54 0.51
CA CYS A 13 -3.73 1.49 1.65
C CYS A 13 -4.46 1.02 2.91
N ASN A 14 -4.11 -0.16 3.39
CA ASN A 14 -4.73 -0.72 4.58
C ASN A 14 -4.35 0.09 5.81
N GLU A 15 -3.48 1.07 5.63
CA GLU A 15 -3.03 1.92 6.73
C GLU A 15 -3.93 3.14 6.89
N CYS A 16 -4.29 3.74 5.77
CA CYS A 16 -5.16 4.92 5.77
C CYS A 16 -6.46 4.65 5.03
N GLY A 17 -6.37 3.88 3.95
CA GLY A 17 -7.56 3.56 3.17
C GLY A 17 -7.66 4.38 1.90
N LYS A 18 -6.54 4.55 1.22
CA LYS A 18 -6.50 5.32 -0.02
C LYS A 18 -6.32 4.39 -1.22
N THR A 19 -7.30 4.39 -2.12
CA THR A 19 -7.25 3.56 -3.31
C THR A 19 -6.27 4.12 -4.33
N PHE A 20 -5.75 3.25 -5.18
CA PHE A 20 -4.79 3.66 -6.20
C PHE A 20 -5.09 2.96 -7.54
N ARG A 21 -4.48 3.45 -8.61
CA ARG A 21 -4.67 2.89 -9.93
C ARG A 21 -3.63 1.81 -10.23
N GLN A 22 -2.36 2.15 -10.00
CA GLN A 22 -1.27 1.21 -10.25
C GLN A 22 -0.75 0.63 -8.94
N SER A 23 0.03 -0.44 -9.04
CA SER A 23 0.59 -1.10 -7.87
C SER A 23 1.63 -0.22 -7.19
N SER A 24 2.47 0.42 -8.01
CA SER A 24 3.52 1.29 -7.49
C SER A 24 2.92 2.43 -6.68
N CYS A 25 1.96 3.13 -7.28
CA CYS A 25 1.30 4.25 -6.61
C CYS A 25 1.09 3.96 -5.12
N LEU A 26 0.29 2.95 -4.84
CA LEU A 26 0.00 2.56 -3.47
C LEU A 26 1.28 2.32 -2.69
N SER A 27 2.05 1.31 -3.10
CA SER A 27 3.30 0.96 -2.43
C SER A 27 4.11 2.22 -2.15
N LYS A 28 4.58 2.88 -3.21
CA LYS A 28 5.37 4.09 -3.08
C LYS A 28 4.76 5.03 -2.05
N HIS A 29 3.46 4.86 -1.80
CA HIS A 29 2.76 5.69 -0.83
C HIS A 29 2.72 5.02 0.55
N GLN A 30 2.67 3.69 0.55
CA GLN A 30 2.64 2.93 1.80
C GLN A 30 3.87 3.22 2.64
N ARG A 31 5.01 3.38 1.96
CA ARG A 31 6.27 3.64 2.66
C ARG A 31 6.11 4.79 3.65
N ILE A 32 5.07 5.60 3.46
CA ILE A 32 4.81 6.74 4.34
C ILE A 32 4.39 6.26 5.73
N HIS A 33 3.68 5.14 5.78
CA HIS A 33 3.23 4.59 7.04
C HIS A 33 4.24 3.59 7.60
N SER A 34 4.62 2.61 6.78
CA SER A 34 5.58 1.60 7.18
C SER A 34 5.11 0.89 8.45
N GLY A 35 3.82 0.58 8.51
CA GLY A 35 3.27 -0.10 9.68
C GLY A 35 3.41 -1.59 9.58
N GLU A 36 4.64 -2.08 9.58
CA GLU A 36 4.91 -3.51 9.49
C GLU A 36 4.82 -4.15 10.88
N LYS A 37 4.64 -5.48 10.90
CA LYS A 37 4.55 -6.21 12.15
C LYS A 37 5.86 -6.14 12.92
N PRO A 38 5.81 -5.52 14.11
CA PRO A 38 6.98 -5.37 14.97
C PRO A 38 7.43 -6.69 15.58
N SER A 39 8.21 -7.47 14.82
CA SER A 39 8.69 -8.75 15.29
C SER A 39 9.96 -9.16 14.55
N GLY A 40 11.08 -9.16 15.27
CA GLY A 40 12.35 -9.52 14.67
C GLY A 40 13.39 -8.41 14.77
N PRO A 41 14.44 -8.51 13.95
CA PRO A 41 15.53 -7.51 13.94
C PRO A 41 15.07 -6.17 13.36
N SER A 42 15.65 -5.09 13.86
CA SER A 42 15.31 -3.75 13.40
C SER A 42 15.46 -3.64 11.89
N SER A 43 15.02 -2.52 11.33
CA SER A 43 15.10 -2.30 9.89
C SER A 43 16.54 -2.37 9.41
N GLY A 44 17.44 -1.72 10.14
CA GLY A 44 18.84 -1.71 9.78
C GLY A 44 19.73 -1.17 10.88
ZN ZN B . -1.70 5.24 3.28
N GLY A 1 -5.49 -13.85 -21.11
CA GLY A 1 -4.45 -14.53 -21.84
C GLY A 1 -3.59 -15.41 -20.95
N SER A 2 -2.38 -15.71 -21.40
CA SER A 2 -1.47 -16.56 -20.64
C SER A 2 -1.58 -16.27 -19.14
N SER A 3 -1.41 -14.99 -18.77
CA SER A 3 -1.49 -14.59 -17.38
C SER A 3 -2.93 -14.29 -16.98
N GLY A 4 -3.29 -14.65 -15.75
CA GLY A 4 -4.64 -14.41 -15.28
C GLY A 4 -4.82 -13.00 -14.75
N SER A 5 -5.12 -12.88 -13.46
CA SER A 5 -5.33 -11.57 -12.83
C SER A 5 -4.51 -11.46 -11.56
N SER A 6 -4.13 -10.22 -11.22
CA SER A 6 -3.34 -9.96 -10.02
C SER A 6 -4.25 -9.72 -8.82
N GLY A 7 -5.27 -8.88 -9.01
CA GLY A 7 -6.19 -8.58 -7.92
C GLY A 7 -7.44 -7.87 -8.42
N LYS A 8 -8.49 -8.63 -8.68
CA LYS A 8 -9.75 -8.07 -9.15
C LYS A 8 -10.14 -6.85 -8.33
N LYS A 9 -9.81 -6.87 -7.05
CA LYS A 9 -10.12 -5.76 -6.16
C LYS A 9 -9.08 -4.66 -6.27
N PRO A 10 -9.50 -3.41 -5.96
CA PRO A 10 -8.61 -2.25 -6.02
C PRO A 10 -7.54 -2.28 -4.93
N LEU A 11 -6.48 -1.50 -5.12
CA LEU A 11 -5.39 -1.43 -4.16
C LEU A 11 -5.54 -0.20 -3.27
N VAL A 12 -5.95 -0.44 -2.02
CA VAL A 12 -6.12 0.65 -1.06
C VAL A 12 -5.25 0.44 0.17
N CYS A 13 -4.67 1.53 0.66
CA CYS A 13 -3.81 1.46 1.84
C CYS A 13 -4.62 1.15 3.10
N ASN A 14 -4.30 0.03 3.74
CA ASN A 14 -5.00 -0.39 4.94
C ASN A 14 -4.60 0.47 6.13
N GLU A 15 -3.48 1.18 5.99
CA GLU A 15 -2.97 2.03 7.06
C GLU A 15 -3.85 3.28 7.20
N CYS A 16 -4.23 3.86 6.07
CA CYS A 16 -5.07 5.06 6.07
C CYS A 16 -6.41 4.78 5.39
N GLY A 17 -6.36 3.99 4.32
CA GLY A 17 -7.57 3.67 3.58
C GLY A 17 -7.71 4.47 2.30
N LYS A 18 -6.60 4.60 1.57
CA LYS A 18 -6.60 5.35 0.32
C LYS A 18 -6.43 4.41 -0.87
N THR A 19 -7.37 4.47 -1.81
CA THR A 19 -7.31 3.63 -2.99
C THR A 19 -6.28 4.15 -3.99
N PHE A 20 -5.81 3.26 -4.87
CA PHE A 20 -4.83 3.64 -5.87
C PHE A 20 -5.08 2.90 -7.19
N ARG A 21 -4.36 3.30 -8.23
CA ARG A 21 -4.51 2.67 -9.54
C ARG A 21 -3.86 1.30 -9.57
N GLN A 22 -2.55 1.26 -9.36
CA GLN A 22 -1.80 0.01 -9.35
C GLN A 22 -0.84 -0.05 -8.19
N SER A 23 -0.22 -1.21 -7.99
CA SER A 23 0.73 -1.40 -6.90
C SER A 23 1.75 -0.28 -6.87
N SER A 24 2.56 -0.19 -7.92
CA SER A 24 3.59 0.84 -8.02
C SER A 24 3.13 2.13 -7.36
N CYS A 25 1.84 2.43 -7.50
CA CYS A 25 1.27 3.65 -6.91
C CYS A 25 1.06 3.48 -5.41
N LEU A 26 0.18 2.55 -5.05
CA LEU A 26 -0.11 2.29 -3.64
C LEU A 26 1.18 2.11 -2.84
N SER A 27 2.07 1.25 -3.33
CA SER A 27 3.33 0.99 -2.66
C SER A 27 4.07 2.29 -2.38
N LYS A 28 4.43 3.00 -3.44
CA LYS A 28 5.14 4.27 -3.31
C LYS A 28 4.54 5.12 -2.20
N HIS A 29 3.26 4.91 -1.93
CA HIS A 29 2.57 5.67 -0.89
C HIS A 29 2.58 4.90 0.43
N GLN A 30 2.63 3.57 0.35
CA GLN A 30 2.65 2.73 1.53
C GLN A 30 3.92 2.94 2.34
N ARG A 31 4.92 3.56 1.70
CA ARG A 31 6.20 3.81 2.36
C ARG A 31 6.13 5.09 3.20
N ILE A 32 5.02 5.82 3.06
CA ILE A 32 4.83 7.05 3.80
C ILE A 32 4.52 6.77 5.27
N HIS A 33 3.93 5.61 5.53
CA HIS A 33 3.59 5.21 6.89
C HIS A 33 4.72 4.42 7.53
N SER A 34 5.36 3.56 6.74
CA SER A 34 6.45 2.73 7.23
C SER A 34 7.78 3.49 7.15
N GLY A 35 7.70 4.80 6.90
CA GLY A 35 8.89 5.61 6.79
C GLY A 35 9.07 6.54 7.98
N GLU A 36 9.20 7.83 7.70
CA GLU A 36 9.37 8.82 8.75
C GLU A 36 8.02 9.34 9.25
N LYS A 37 8.05 10.08 10.35
CA LYS A 37 6.83 10.63 10.93
C LYS A 37 6.58 12.05 10.42
N PRO A 38 5.31 12.38 10.17
CA PRO A 38 4.91 13.70 9.68
C PRO A 38 5.08 14.78 10.74
N SER A 39 6.06 15.66 10.52
CA SER A 39 6.33 16.75 11.45
C SER A 39 5.49 17.98 11.12
N GLY A 40 5.08 18.71 12.16
CA GLY A 40 4.28 19.90 11.95
C GLY A 40 4.09 20.70 13.23
N PRO A 41 3.37 21.83 13.12
CA PRO A 41 3.11 22.71 14.27
C PRO A 41 2.15 22.07 15.27
N SER A 42 2.03 22.70 16.44
CA SER A 42 1.14 22.20 17.48
C SER A 42 -0.26 21.94 16.93
N SER A 43 -0.83 22.96 16.27
CA SER A 43 -2.16 22.84 15.70
C SER A 43 -2.32 23.76 14.50
N GLY A 44 -3.41 23.59 13.76
CA GLY A 44 -3.66 24.41 12.59
C GLY A 44 -5.09 24.92 12.53
ZN ZN B . -1.73 5.17 3.46
N GLY A 1 -5.51 -18.48 -17.57
CA GLY A 1 -4.22 -18.25 -16.93
C GLY A 1 -4.28 -18.39 -15.43
N SER A 2 -3.25 -17.92 -14.74
CA SER A 2 -3.18 -18.01 -13.28
C SER A 2 -2.48 -16.79 -12.69
N SER A 3 -3.09 -16.18 -11.70
CA SER A 3 -2.53 -15.01 -11.05
C SER A 3 -2.32 -15.26 -9.56
N GLY A 4 -1.65 -14.32 -8.89
CA GLY A 4 -1.39 -14.45 -7.47
C GLY A 4 -2.18 -13.44 -6.64
N SER A 5 -2.01 -12.16 -6.95
CA SER A 5 -2.71 -11.10 -6.23
C SER A 5 -4.22 -11.25 -6.37
N SER A 6 -4.96 -10.70 -5.42
CA SER A 6 -6.41 -10.76 -5.43
C SER A 6 -6.97 -10.35 -6.79
N GLY A 7 -6.41 -9.27 -7.34
CA GLY A 7 -6.86 -8.79 -8.63
C GLY A 7 -8.19 -8.06 -8.55
N LYS A 8 -9.26 -8.81 -8.37
CA LYS A 8 -10.60 -8.23 -8.27
C LYS A 8 -10.59 -6.98 -7.39
N LYS A 9 -10.15 -7.15 -6.14
CA LYS A 9 -10.08 -6.04 -5.20
C LYS A 9 -9.03 -5.02 -5.63
N PRO A 10 -9.38 -3.73 -5.52
CA PRO A 10 -8.47 -2.63 -5.90
C PRO A 10 -7.30 -2.50 -4.93
N LEU A 11 -6.36 -1.62 -5.28
CA LEU A 11 -5.18 -1.41 -4.45
C LEU A 11 -5.41 -0.22 -3.50
N VAL A 12 -5.69 -0.53 -2.24
CA VAL A 12 -5.91 0.51 -1.23
C VAL A 12 -4.94 0.36 -0.07
N CYS A 13 -4.52 1.49 0.49
CA CYS A 13 -3.59 1.49 1.60
C CYS A 13 -4.27 1.05 2.89
N ASN A 14 -3.87 -0.12 3.39
CA ASN A 14 -4.45 -0.66 4.62
C ASN A 14 -4.06 0.19 5.83
N GLU A 15 -3.23 1.20 5.59
CA GLU A 15 -2.78 2.08 6.66
C GLU A 15 -3.75 3.26 6.83
N CYS A 16 -4.17 3.85 5.71
CA CYS A 16 -5.08 4.98 5.74
C CYS A 16 -6.41 4.62 5.08
N GLY A 17 -6.34 3.83 4.01
CA GLY A 17 -7.55 3.42 3.31
C GLY A 17 -7.75 4.19 2.02
N LYS A 18 -6.67 4.42 1.29
CA LYS A 18 -6.74 5.15 0.03
C LYS A 18 -6.48 4.23 -1.15
N THR A 19 -7.42 4.21 -2.10
CA THR A 19 -7.30 3.37 -3.28
C THR A 19 -6.32 3.97 -4.29
N PHE A 20 -5.81 3.13 -5.19
CA PHE A 20 -4.87 3.57 -6.20
C PHE A 20 -5.13 2.88 -7.53
N ARG A 21 -4.50 3.39 -8.59
CA ARG A 21 -4.67 2.83 -9.92
C ARG A 21 -3.59 1.79 -10.21
N GLN A 22 -2.35 2.13 -9.89
CA GLN A 22 -1.23 1.23 -10.12
C GLN A 22 -0.66 0.71 -8.79
N SER A 23 0.07 -0.41 -8.87
CA SER A 23 0.65 -1.01 -7.67
C SER A 23 1.74 -0.11 -7.09
N SER A 24 2.65 0.34 -7.94
CA SER A 24 3.74 1.21 -7.50
C SER A 24 3.20 2.42 -6.75
N CYS A 25 2.09 2.96 -7.22
CA CYS A 25 1.47 4.12 -6.59
C CYS A 25 1.16 3.84 -5.13
N LEU A 26 0.33 2.84 -4.88
CA LEU A 26 -0.05 2.47 -3.52
C LEU A 26 1.17 2.17 -2.68
N SER A 27 1.92 1.14 -3.09
CA SER A 27 3.13 0.74 -2.35
C SER A 27 4.03 1.94 -2.11
N LYS A 28 4.42 2.62 -3.18
CA LYS A 28 5.28 3.79 -3.08
C LYS A 28 4.69 4.82 -2.13
N HIS A 29 3.42 4.66 -1.81
CA HIS A 29 2.73 5.58 -0.91
C HIS A 29 2.72 5.04 0.52
N GLN A 30 2.59 3.72 0.64
CA GLN A 30 2.56 3.08 1.96
C GLN A 30 3.81 3.43 2.75
N ARG A 31 4.94 3.57 2.06
CA ARG A 31 6.20 3.89 2.70
C ARG A 31 6.04 5.09 3.63
N ILE A 32 5.02 5.90 3.38
CA ILE A 32 4.76 7.08 4.20
C ILE A 32 4.36 6.69 5.61
N HIS A 33 3.65 5.58 5.73
CA HIS A 33 3.20 5.09 7.04
C HIS A 33 4.26 4.20 7.67
N SER A 34 4.81 3.28 6.88
CA SER A 34 5.83 2.36 7.37
C SER A 34 6.85 3.09 8.23
N GLY A 35 7.36 4.20 7.73
CA GLY A 35 8.34 4.98 8.48
C GLY A 35 7.71 5.80 9.58
N GLU A 36 8.46 6.03 10.65
CA GLU A 36 7.98 6.81 11.78
C GLU A 36 8.93 7.94 12.13
N LYS A 37 8.38 9.06 12.58
CA LYS A 37 9.18 10.22 12.94
C LYS A 37 9.62 10.15 14.40
N PRO A 38 10.73 10.83 14.73
CA PRO A 38 11.27 10.85 16.09
C PRO A 38 10.39 11.63 17.05
N SER A 39 9.38 10.96 17.59
CA SER A 39 8.46 11.59 18.52
C SER A 39 8.54 10.93 19.90
N GLY A 40 8.77 9.62 19.91
CA GLY A 40 8.87 8.90 21.17
C GLY A 40 10.02 9.37 22.02
N PRO A 41 11.01 8.49 22.24
CA PRO A 41 12.19 8.80 23.05
C PRO A 41 13.11 9.81 22.37
N SER A 42 12.69 10.30 21.21
CA SER A 42 13.47 11.27 20.46
C SER A 42 12.66 12.53 20.16
N SER A 43 13.35 13.65 20.00
CA SER A 43 12.69 14.92 19.72
C SER A 43 12.92 15.35 18.28
N GLY A 44 12.12 16.30 17.82
CA GLY A 44 12.24 16.78 16.45
C GLY A 44 11.53 15.88 15.46
ZN ZN B . -1.71 5.30 3.23
N GLY A 1 -11.28 -26.11 -3.65
CA GLY A 1 -10.43 -25.06 -3.09
C GLY A 1 -11.24 -23.87 -2.58
N SER A 2 -11.08 -22.74 -3.24
CA SER A 2 -11.78 -21.52 -2.85
C SER A 2 -12.19 -20.70 -4.07
N SER A 3 -13.09 -19.75 -3.88
CA SER A 3 -13.57 -18.91 -4.97
C SER A 3 -13.67 -17.46 -4.52
N GLY A 4 -12.96 -16.57 -5.22
CA GLY A 4 -12.99 -15.16 -4.88
C GLY A 4 -14.31 -14.50 -5.26
N SER A 5 -14.71 -13.50 -4.49
CA SER A 5 -15.95 -12.79 -4.74
C SER A 5 -15.94 -12.16 -6.14
N SER A 6 -14.84 -11.50 -6.47
CA SER A 6 -14.70 -10.86 -7.77
C SER A 6 -13.41 -11.29 -8.46
N GLY A 7 -13.21 -10.80 -9.68
CA GLY A 7 -12.01 -11.15 -10.43
C GLY A 7 -10.75 -10.65 -9.76
N LYS A 8 -10.60 -9.34 -9.67
CA LYS A 8 -9.43 -8.74 -9.05
C LYS A 8 -9.84 -7.70 -8.00
N LYS A 9 -8.95 -7.45 -7.04
CA LYS A 9 -9.21 -6.49 -5.98
C LYS A 9 -8.30 -5.26 -6.12
N PRO A 10 -8.85 -4.08 -5.80
CA PRO A 10 -8.11 -2.83 -5.88
C PRO A 10 -7.03 -2.72 -4.81
N LEU A 11 -6.05 -1.85 -5.04
CA LEU A 11 -4.96 -1.66 -4.09
C LEU A 11 -5.21 -0.44 -3.22
N VAL A 12 -5.47 -0.68 -1.93
CA VAL A 12 -5.72 0.40 -0.99
C VAL A 12 -4.78 0.31 0.22
N CYS A 13 -4.32 1.47 0.67
CA CYS A 13 -3.43 1.52 1.82
C CYS A 13 -4.15 1.15 3.11
N ASN A 14 -3.72 0.06 3.75
CA ASN A 14 -4.33 -0.40 4.98
C ASN A 14 -3.99 0.53 6.14
N GLU A 15 -2.97 1.35 5.94
CA GLU A 15 -2.54 2.29 6.97
C GLU A 15 -3.53 3.45 7.11
N CYS A 16 -3.97 3.98 5.97
CA CYS A 16 -4.92 5.08 5.95
C CYS A 16 -6.23 4.67 5.28
N GLY A 17 -6.12 3.87 4.22
CA GLY A 17 -7.29 3.41 3.50
C GLY A 17 -7.50 4.16 2.21
N LYS A 18 -6.42 4.38 1.47
CA LYS A 18 -6.48 5.09 0.20
C LYS A 18 -6.26 4.13 -0.97
N THR A 19 -7.23 4.09 -1.88
CA THR A 19 -7.13 3.21 -3.05
C THR A 19 -6.20 3.80 -4.10
N PHE A 20 -5.60 2.94 -4.91
CA PHE A 20 -4.70 3.37 -5.97
C PHE A 20 -4.98 2.64 -7.27
N ARG A 21 -4.37 3.10 -8.35
CA ARG A 21 -4.56 2.50 -9.66
C ARG A 21 -3.40 1.57 -10.01
N GLN A 22 -2.20 1.94 -9.56
CA GLN A 22 -1.02 1.13 -9.82
C GLN A 22 -0.37 0.66 -8.52
N SER A 23 0.38 -0.43 -8.59
CA SER A 23 1.04 -0.99 -7.42
C SER A 23 2.05 0.00 -6.85
N SER A 24 2.91 0.52 -7.72
CA SER A 24 3.94 1.47 -7.30
C SER A 24 3.29 2.71 -6.67
N CYS A 25 2.19 3.15 -7.25
CA CYS A 25 1.48 4.33 -6.74
C CYS A 25 1.10 4.14 -5.28
N LEU A 26 0.61 2.95 -4.95
CA LEU A 26 0.19 2.64 -3.58
C LEU A 26 1.40 2.42 -2.68
N SER A 27 2.31 1.56 -3.12
CA SER A 27 3.51 1.26 -2.35
C SER A 27 4.28 2.54 -2.03
N LYS A 28 4.65 3.29 -3.07
CA LYS A 28 5.39 4.53 -2.90
C LYS A 28 4.73 5.41 -1.83
N HIS A 29 3.43 5.24 -1.65
CA HIS A 29 2.68 6.01 -0.67
C HIS A 29 2.57 5.25 0.65
N GLN A 30 2.58 3.92 0.56
CA GLN A 30 2.48 3.07 1.74
C GLN A 30 3.71 3.24 2.64
N ARG A 31 4.76 3.85 2.09
CA ARG A 31 5.99 4.07 2.83
C ARG A 31 5.95 5.41 3.57
N ILE A 32 4.93 6.21 3.28
CA ILE A 32 4.78 7.51 3.92
C ILE A 32 4.38 7.37 5.38
N HIS A 33 3.70 6.28 5.69
CA HIS A 33 3.25 6.01 7.06
C HIS A 33 4.34 5.31 7.86
N SER A 34 4.98 4.32 7.23
CA SER A 34 6.03 3.56 7.88
C SER A 34 7.04 4.49 8.57
N GLY A 35 7.31 5.63 7.93
CA GLY A 35 8.24 6.59 8.49
C GLY A 35 8.10 6.71 10.00
N GLU A 36 9.17 7.15 10.65
CA GLU A 36 9.16 7.31 12.10
C GLU A 36 8.53 8.64 12.49
N LYS A 37 7.78 9.23 11.57
CA LYS A 37 7.11 10.51 11.82
C LYS A 37 5.83 10.31 12.60
N PRO A 38 5.74 10.94 13.78
CA PRO A 38 4.57 10.86 14.65
C PRO A 38 3.35 11.56 14.06
N SER A 39 2.47 10.80 13.43
CA SER A 39 1.27 11.34 12.81
C SER A 39 0.33 11.90 13.88
N GLY A 40 0.17 11.16 14.97
CA GLY A 40 -0.69 11.60 16.04
C GLY A 40 -0.31 11.01 17.38
N PRO A 41 -0.27 11.86 18.43
CA PRO A 41 0.09 11.43 19.78
C PRO A 41 -0.98 10.55 20.41
N SER A 42 -2.02 10.27 19.65
CA SER A 42 -3.13 9.44 20.13
C SER A 42 -2.61 8.10 20.66
N SER A 43 -2.06 7.30 19.76
CA SER A 43 -1.52 5.99 20.13
C SER A 43 -0.34 6.13 21.08
N GLY A 44 0.50 7.13 20.83
CA GLY A 44 1.66 7.35 21.67
C GLY A 44 2.96 7.37 20.87
ZN ZN B . -1.82 5.51 3.31
N GLY A 1 -24.77 -10.61 -11.05
CA GLY A 1 -23.36 -10.28 -10.97
C GLY A 1 -22.47 -11.48 -11.27
N SER A 2 -21.59 -11.80 -10.33
CA SER A 2 -20.68 -12.93 -10.50
C SER A 2 -20.93 -14.00 -9.43
N SER A 3 -21.25 -15.21 -9.89
CA SER A 3 -21.52 -16.32 -8.99
C SER A 3 -20.24 -16.77 -8.29
N GLY A 4 -19.17 -16.91 -9.06
CA GLY A 4 -17.90 -17.34 -8.50
C GLY A 4 -16.93 -16.19 -8.33
N SER A 5 -15.75 -16.32 -8.93
CA SER A 5 -14.72 -15.28 -8.84
C SER A 5 -14.93 -14.22 -9.92
N SER A 6 -14.88 -12.96 -9.50
CA SER A 6 -15.06 -11.85 -10.43
C SER A 6 -13.74 -11.46 -11.07
N GLY A 7 -12.73 -11.23 -10.24
CA GLY A 7 -11.42 -10.86 -10.74
C GLY A 7 -10.45 -10.50 -9.64
N LYS A 8 -9.88 -9.30 -9.71
CA LYS A 8 -8.93 -8.83 -8.71
C LYS A 8 -9.47 -7.62 -7.98
N LYS A 9 -8.98 -7.41 -6.75
CA LYS A 9 -9.42 -6.28 -5.94
C LYS A 9 -8.43 -5.12 -6.06
N PRO A 10 -8.93 -3.89 -5.82
CA PRO A 10 -8.11 -2.68 -5.89
C PRO A 10 -7.10 -2.59 -4.76
N LEU A 11 -6.03 -1.82 -4.96
CA LEU A 11 -5.00 -1.65 -3.95
C LEU A 11 -5.26 -0.42 -3.09
N VAL A 12 -5.59 -0.66 -1.82
CA VAL A 12 -5.86 0.44 -0.89
C VAL A 12 -5.03 0.31 0.38
N CYS A 13 -4.45 1.42 0.81
CA CYS A 13 -3.62 1.42 2.01
C CYS A 13 -4.45 1.09 3.25
N ASN A 14 -4.08 0.00 3.92
CA ASN A 14 -4.79 -0.43 5.12
C ASN A 14 -4.46 0.47 6.30
N GLU A 15 -3.47 1.33 6.12
CA GLU A 15 -3.05 2.25 7.18
C GLU A 15 -3.95 3.47 7.22
N CYS A 16 -4.26 4.02 6.05
CA CYS A 16 -5.12 5.19 5.94
C CYS A 16 -6.41 4.87 5.21
N GLY A 17 -6.30 4.03 4.18
CA GLY A 17 -7.48 3.64 3.42
C GLY A 17 -7.56 4.38 2.09
N LYS A 18 -6.43 4.53 1.42
CA LYS A 18 -6.38 5.22 0.13
C LYS A 18 -6.18 4.22 -1.02
N THR A 19 -7.15 4.19 -1.93
CA THR A 19 -7.08 3.28 -3.07
C THR A 19 -6.17 3.84 -4.17
N PHE A 20 -5.58 2.95 -4.95
CA PHE A 20 -4.68 3.35 -6.02
C PHE A 20 -4.91 2.50 -7.27
N ARG A 21 -4.55 3.04 -8.43
CA ARG A 21 -4.71 2.33 -9.69
C ARG A 21 -3.50 1.44 -9.96
N GLN A 22 -2.30 2.01 -9.83
CA GLN A 22 -1.07 1.27 -10.07
C GLN A 22 -0.51 0.71 -8.77
N SER A 23 0.26 -0.38 -8.88
CA SER A 23 0.84 -1.01 -7.71
C SER A 23 1.90 -0.11 -7.07
N SER A 24 2.62 0.64 -7.91
CA SER A 24 3.65 1.54 -7.43
C SER A 24 3.05 2.71 -6.67
N CYS A 25 1.84 3.11 -7.06
CA CYS A 25 1.14 4.21 -6.41
C CYS A 25 0.94 3.94 -4.92
N LEU A 26 0.41 2.76 -4.62
CA LEU A 26 0.17 2.37 -3.23
C LEU A 26 1.49 2.17 -2.48
N SER A 27 2.34 1.32 -3.03
CA SER A 27 3.64 1.03 -2.41
C SER A 27 4.42 2.32 -2.18
N LYS A 28 4.67 3.06 -3.25
CA LYS A 28 5.41 4.31 -3.16
C LYS A 28 4.72 5.28 -2.20
N HIS A 29 3.50 4.95 -1.81
CA HIS A 29 2.74 5.79 -0.89
C HIS A 29 2.87 5.28 0.54
N GLN A 30 2.91 3.96 0.70
CA GLN A 30 3.04 3.34 2.01
C GLN A 30 4.27 3.86 2.75
N ARG A 31 5.33 4.12 1.99
CA ARG A 31 6.58 4.62 2.56
C ARG A 31 6.32 5.80 3.49
N ILE A 32 5.17 6.46 3.29
CA ILE A 32 4.81 7.61 4.12
C ILE A 32 4.49 7.18 5.54
N HIS A 33 3.92 5.99 5.69
CA HIS A 33 3.58 5.46 7.01
C HIS A 33 4.75 4.69 7.60
N SER A 34 5.27 3.73 6.84
CA SER A 34 6.39 2.91 7.29
C SER A 34 7.57 3.79 7.71
N GLY A 35 7.89 4.77 6.87
CA GLY A 35 9.00 5.66 7.17
C GLY A 35 10.33 5.11 6.70
N GLU A 36 10.94 5.78 5.73
CA GLU A 36 12.24 5.35 5.20
C GLU A 36 13.38 6.14 5.82
N LYS A 37 13.07 6.86 6.89
CA LYS A 37 14.07 7.66 7.59
C LYS A 37 15.00 6.77 8.41
N PRO A 38 16.31 7.05 8.35
CA PRO A 38 17.32 6.29 9.08
C PRO A 38 17.25 6.53 10.58
N SER A 39 18.06 5.78 11.33
CA SER A 39 18.08 5.91 12.79
C SER A 39 19.49 6.21 13.29
N GLY A 40 19.58 6.88 14.43
CA GLY A 40 20.87 7.22 14.99
C GLY A 40 21.09 6.59 16.35
N PRO A 41 21.30 7.44 17.37
CA PRO A 41 21.54 6.99 18.75
C PRO A 41 20.28 6.39 19.38
N SER A 42 19.20 6.34 18.61
CA SER A 42 17.93 5.80 19.10
C SER A 42 17.99 4.28 19.15
N SER A 43 17.93 3.74 20.37
CA SER A 43 17.98 2.28 20.56
C SER A 43 17.44 1.91 21.93
N GLY A 44 17.02 0.65 22.07
CA GLY A 44 16.49 0.18 23.34
C GLY A 44 14.98 0.17 23.37
ZN ZN B . -1.63 5.25 3.51
#